data_3G0I
#
_entry.id   3G0I
#
_cell.length_a   62.985
_cell.length_b   89.655
_cell.length_c   75.812
_cell.angle_alpha   90.000
_cell.angle_beta   105.310
_cell.angle_gamma   90.000
#
_symmetry.space_group_name_H-M   'P 1 21 1'
#
loop_
_entity.id
_entity.type
_entity.pdbx_description
1 polymer 'Epoxide hydrolase'
2 non-polymer 2-PROPYLPENTANAMIDE
3 water water
#
_entity_poly.entity_id   1
_entity_poly.type   'polypeptide(L)'
_entity_poly.pdbx_seq_one_letter_code
;KAFAKFPSSASISPNPFTVSIPDEQLDDLKTLVRLSKIAPPTYESLQADGRFGITSEWLTTMREKWLSEFDWRPFEARLN
SFPQFTTEIEGLTIHFAALFSEREDAVPIALLHGWPGSFVEFYPILQLFREEYTPETLPFHLVVPSLPGYTFSSGPPLDK
DFGLMDNARVVDQLMKDLGFGSGYIIQGGDIGSFVGRLLGVGFDACKAVHLNLCAMRAPPEGPSIESLSAAEKEGIARME
KFMTDGLAYAMEHSTRPSTIGHVLSSSPIALLAWIGEKYLQWVDKPLPSETILEMVSLYWLTESFPRAIHTYRETTPTAS
APNGATMLQKELYIHKPFGFSFFPKDLCPVPRSWIATTGNLVFFRDHAEGGHFAALERPRELKTDLTAFVEQVW
;
_entity_poly.pdbx_strand_id   A,B
#
# COMPACT_ATOMS: atom_id res chain seq x y z
N LYS A 1 9.72 2.40 -42.55
CA LYS A 1 8.88 1.19 -42.81
C LYS A 1 9.68 -0.10 -42.92
N ALA A 2 10.99 -0.02 -42.62
CA ALA A 2 11.81 -1.23 -42.50
C ALA A 2 11.33 -2.04 -41.30
N PHE A 3 11.28 -3.36 -41.46
CA PHE A 3 10.78 -4.29 -40.43
C PHE A 3 9.26 -4.18 -40.13
N ALA A 4 8.54 -3.38 -40.90
CA ALA A 4 7.12 -3.10 -40.61
C ALA A 4 6.10 -3.94 -41.38
N LYS A 5 6.53 -4.62 -42.44
CA LYS A 5 5.61 -5.45 -43.26
C LYS A 5 5.18 -6.69 -42.50
N PHE A 6 3.87 -6.92 -42.40
CA PHE A 6 3.31 -8.09 -41.71
C PHE A 6 3.79 -9.37 -42.42
N PRO A 7 3.94 -10.47 -41.68
CA PRO A 7 4.28 -11.74 -42.35
C PRO A 7 3.19 -12.13 -43.34
N SER A 8 3.60 -12.88 -44.36
CA SER A 8 2.74 -13.26 -45.49
C SER A 8 1.43 -13.91 -45.08
N SER A 9 1.44 -14.60 -43.95
CA SER A 9 0.27 -15.35 -43.51
C SER A 9 -0.59 -14.66 -42.44
N ALA A 10 -0.26 -13.40 -42.10
CA ALA A 10 -1.12 -12.61 -41.21
C ALA A 10 -2.52 -12.46 -41.81
N SER A 11 -3.55 -12.56 -40.97
CA SER A 11 -4.94 -12.45 -41.44
C SER A 11 -5.54 -11.06 -41.18
N ILE A 12 -4.88 -10.28 -40.31
CA ILE A 12 -5.35 -8.95 -39.93
C ILE A 12 -4.73 -7.85 -40.78
N SER A 13 -5.43 -6.72 -40.87
CA SER A 13 -4.95 -5.54 -41.57
C SER A 13 -3.94 -4.80 -40.69
N PRO A 14 -2.83 -4.30 -41.29
CA PRO A 14 -1.89 -3.48 -40.55
C PRO A 14 -2.45 -2.10 -40.21
N ASN A 15 -2.49 -1.79 -38.92
CA ASN A 15 -2.95 -0.47 -38.47
C ASN A 15 -1.80 0.23 -37.75
N PRO A 16 -0.93 0.94 -38.51
CA PRO A 16 0.24 1.57 -37.90
C PRO A 16 -0.17 2.52 -36.79
N PHE A 17 0.60 2.51 -35.72
CA PHE A 17 0.33 3.33 -34.56
C PHE A 17 1.51 4.24 -34.32
N THR A 18 1.22 5.48 -33.90
CA THR A 18 2.25 6.45 -33.50
C THR A 18 1.85 7.07 -32.17
N VAL A 19 2.81 7.22 -31.27
CA VAL A 19 2.53 7.90 -30.00
C VAL A 19 2.55 9.40 -30.22
N SER A 20 1.47 10.08 -29.85
CA SER A 20 1.39 11.53 -30.02
C SER A 20 0.59 12.17 -28.90
N ILE A 21 1.25 12.46 -27.78
CA ILE A 21 0.57 13.09 -26.64
C ILE A 21 0.40 14.59 -26.89
N PRO A 22 -0.84 15.09 -26.83
CA PRO A 22 -1.09 16.53 -26.99
C PRO A 22 -0.35 17.36 -25.95
N ASP A 23 0.08 18.56 -26.35
CA ASP A 23 0.79 19.49 -25.47
C ASP A 23 0.06 19.79 -24.16
N GLU A 24 -1.28 19.82 -24.22
N GLU A 24 -1.28 19.83 -24.19
CA GLU A 24 -2.12 20.11 -23.05
CA GLU A 24 -2.05 20.16 -22.99
C GLU A 24 -1.91 19.09 -21.93
C GLU A 24 -1.96 19.09 -21.89
N GLN A 25 -1.87 17.81 -22.30
CA GLN A 25 -1.65 16.71 -21.35
C GLN A 25 -0.25 16.78 -20.73
N LEU A 26 0.73 17.15 -21.54
CA LEU A 26 2.07 17.42 -21.04
C LEU A 26 2.12 18.62 -20.09
N ASP A 27 1.39 19.68 -20.44
CA ASP A 27 1.31 20.88 -19.58
C ASP A 27 0.62 20.55 -18.26
N ASP A 28 -0.44 19.74 -18.32
CA ASP A 28 -1.18 19.32 -17.13
C ASP A 28 -0.37 18.43 -16.20
N LEU A 29 0.47 17.57 -16.80
CA LEU A 29 1.40 16.74 -16.04
C LEU A 29 2.34 17.65 -15.24
N LYS A 30 2.95 18.61 -15.93
CA LYS A 30 3.85 19.57 -15.30
C LYS A 30 3.17 20.37 -14.18
N THR A 31 1.97 20.88 -14.45
CA THR A 31 1.16 21.60 -13.46
C THR A 31 0.90 20.75 -12.22
N LEU A 32 0.48 19.51 -12.41
CA LEU A 32 0.22 18.60 -11.29
C LEU A 32 1.49 18.20 -10.53
N VAL A 33 2.61 18.07 -11.25
CA VAL A 33 3.90 17.90 -10.59
C VAL A 33 4.19 19.12 -9.69
N ARG A 34 4.01 20.32 -10.25
CA ARG A 34 4.29 21.56 -9.51
C ARG A 34 3.42 21.73 -8.27
N LEU A 35 2.13 21.41 -8.39
CA LEU A 35 1.17 21.58 -7.29
C LEU A 35 1.31 20.55 -6.18
N SER A 36 1.86 19.38 -6.52
N SER A 36 1.84 19.38 -6.52
CA SER A 36 2.08 18.29 -5.58
CA SER A 36 2.03 18.28 -5.57
C SER A 36 2.97 18.71 -4.41
C SER A 36 3.01 18.63 -4.45
N LYS A 37 2.69 18.15 -3.25
CA LYS A 37 3.48 18.43 -2.07
C LYS A 37 4.32 17.21 -1.70
N ILE A 38 5.43 17.47 -1.01
CA ILE A 38 6.33 16.43 -0.51
C ILE A 38 5.99 16.20 0.96
N ALA A 39 6.04 14.95 1.42
CA ALA A 39 5.91 14.67 2.84
C ALA A 39 6.91 15.52 3.65
N PRO A 40 6.57 15.85 4.91
CA PRO A 40 7.59 16.42 5.77
C PRO A 40 8.66 15.35 6.00
N PRO A 41 9.91 15.76 6.26
CA PRO A 41 10.94 14.76 6.58
C PRO A 41 10.56 13.96 7.81
N THR A 42 10.87 12.67 7.78
CA THR A 42 10.63 11.78 8.91
C THR A 42 11.90 10.95 9.08
N TYR A 43 12.09 10.36 10.26
CA TYR A 43 13.14 9.39 10.47
C TYR A 43 13.26 8.43 9.28
N GLU A 44 12.13 7.91 8.81
CA GLU A 44 12.12 6.88 7.77
C GLU A 44 12.59 7.41 6.41
N SER A 45 12.18 8.63 6.07
CA SER A 45 12.52 9.23 4.80
C SER A 45 13.93 9.77 4.76
N LEU A 46 14.61 9.76 5.92
CA LEU A 46 15.98 10.21 6.07
C LEU A 46 16.98 9.05 6.13
N GLN A 47 16.50 7.84 5.91
CA GLN A 47 17.38 6.68 5.89
C GLN A 47 17.96 6.49 4.50
N ALA A 48 19.28 6.69 4.40
CA ALA A 48 19.96 6.66 3.11
C ALA A 48 19.95 5.30 2.43
N ASP A 49 19.89 4.21 3.22
CA ASP A 49 19.79 2.86 2.63
C ASP A 49 18.43 2.57 1.98
N GLY A 50 17.45 3.43 2.26
CA GLY A 50 16.12 3.30 1.68
C GLY A 50 15.36 2.07 2.09
N ARG A 51 15.68 1.52 3.26
CA ARG A 51 14.99 0.33 3.78
C ARG A 51 13.48 0.53 4.05
N PHE A 52 13.07 1.79 4.22
CA PHE A 52 11.65 2.13 4.42
C PHE A 52 11.01 2.73 3.16
N GLY A 53 11.72 2.66 2.03
CA GLY A 53 11.21 3.21 0.78
C GLY A 53 11.97 4.43 0.34
N ILE A 54 11.40 5.18 -0.59
CA ILE A 54 12.07 6.32 -1.21
C ILE A 54 12.41 7.38 -0.16
N THR A 55 13.58 7.99 -0.33
CA THR A 55 14.02 9.04 0.58
C THR A 55 13.44 10.38 0.15
N SER A 56 13.38 11.31 1.10
CA SER A 56 12.97 12.68 0.82
C SER A 56 13.91 13.31 -0.21
N GLU A 57 15.22 13.09 -0.03
CA GLU A 57 16.26 13.60 -0.94
C GLU A 57 16.00 13.17 -2.40
N TRP A 58 15.78 11.87 -2.62
CA TRP A 58 15.48 11.37 -3.96
C TRP A 58 14.19 11.97 -4.56
N LEU A 59 13.10 11.96 -3.81
CA LEU A 59 11.84 12.50 -4.33
C LEU A 59 11.93 13.99 -4.64
N THR A 60 12.56 14.76 -3.74
CA THR A 60 12.78 16.20 -3.95
C THR A 60 13.55 16.44 -5.26
N THR A 61 14.66 15.75 -5.46
CA THR A 61 15.48 15.92 -6.66
C THR A 61 14.79 15.42 -7.95
N MET A 62 14.09 14.28 -7.85
CA MET A 62 13.31 13.74 -8.99
C MET A 62 12.18 14.68 -9.43
N ARG A 63 11.49 15.27 -8.45
CA ARG A 63 10.42 16.27 -8.71
C ARG A 63 10.94 17.48 -9.48
N GLU A 64 12.07 18.03 -9.02
CA GLU A 64 12.72 19.17 -9.69
C GLU A 64 13.13 18.81 -11.12
N LYS A 65 13.79 17.66 -11.30
CA LYS A 65 14.12 17.14 -12.63
C LYS A 65 12.88 17.01 -13.53
N TRP A 66 11.77 16.52 -12.96
CA TRP A 66 10.54 16.34 -13.74
C TRP A 66 10.01 17.67 -14.29
N LEU A 67 10.13 18.71 -13.47
CA LEU A 67 9.69 20.07 -13.82
C LEU A 67 10.63 20.78 -14.78
N SER A 68 11.93 20.55 -14.63
CA SER A 68 12.94 21.37 -15.26
C SER A 68 13.81 20.67 -16.32
N GLU A 69 14.11 19.40 -16.11
CA GLU A 69 15.04 18.69 -17.00
C GLU A 69 14.31 17.76 -17.96
N PHE A 70 13.16 17.25 -17.53
CA PHE A 70 12.46 16.24 -18.29
C PHE A 70 11.78 16.78 -19.56
N ASP A 71 11.95 16.04 -20.66
CA ASP A 71 11.28 16.33 -21.92
C ASP A 71 10.68 15.03 -22.47
N TRP A 72 9.36 15.02 -22.58
CA TRP A 72 8.63 13.89 -23.17
C TRP A 72 8.98 13.63 -24.63
N ARG A 73 9.17 14.70 -25.40
CA ARG A 73 9.26 14.61 -26.87
C ARG A 73 10.36 13.69 -27.43
N PRO A 74 11.61 13.79 -26.93
CA PRO A 74 12.62 12.82 -27.33
C PRO A 74 12.33 11.35 -26.96
N PHE A 75 11.75 11.10 -25.79
CA PHE A 75 11.36 9.74 -25.40
C PHE A 75 10.28 9.20 -26.31
N GLU A 76 9.29 10.03 -26.59
CA GLU A 76 8.21 9.75 -27.53
C GLU A 76 8.72 9.41 -28.93
N ALA A 77 9.67 10.19 -29.44
CA ALA A 77 10.28 9.92 -30.75
C ALA A 77 10.99 8.58 -30.72
N ARG A 78 11.57 8.27 -29.57
CA ARG A 78 12.20 6.97 -29.36
C ARG A 78 11.17 5.81 -29.37
N LEU A 79 10.02 6.02 -28.72
CA LEU A 79 8.89 5.08 -28.81
C LEU A 79 8.49 4.85 -30.28
N ASN A 80 8.49 5.94 -31.04
CA ASN A 80 8.08 5.94 -32.45
C ASN A 80 9.19 5.51 -33.41
N SER A 81 10.34 5.14 -32.86
CA SER A 81 11.49 4.78 -33.68
C SER A 81 11.41 3.33 -34.16
N PHE A 82 10.47 2.57 -33.60
CA PHE A 82 10.21 1.21 -34.07
C PHE A 82 8.78 1.07 -34.62
N PRO A 83 8.54 0.07 -35.50
CA PRO A 83 7.18 -0.17 -35.96
C PRO A 83 6.24 -0.48 -34.79
N GLN A 84 5.12 0.23 -34.71
CA GLN A 84 4.04 -0.09 -33.78
C GLN A 84 2.72 -0.20 -34.52
N PHE A 85 1.79 -0.95 -33.94
CA PHE A 85 0.48 -1.18 -34.54
C PHE A 85 -0.51 -1.34 -33.41
N THR A 86 -1.80 -1.21 -33.73
CA THR A 86 -2.84 -1.72 -32.85
C THR A 86 -3.72 -2.69 -33.62
N THR A 87 -4.31 -3.64 -32.90
CA THR A 87 -5.29 -4.52 -33.49
C THR A 87 -6.33 -4.81 -32.42
N GLU A 88 -7.54 -5.17 -32.85
CA GLU A 88 -8.60 -5.47 -31.92
C GLU A 88 -8.78 -6.96 -31.73
N ILE A 89 -8.85 -7.36 -30.46
CA ILE A 89 -9.00 -8.76 -30.07
C ILE A 89 -9.99 -8.77 -28.93
N GLU A 90 -11.09 -9.48 -29.11
CA GLU A 90 -12.18 -9.52 -28.12
C GLU A 90 -12.69 -8.13 -27.74
N GLY A 91 -12.69 -7.22 -28.70
CA GLY A 91 -13.13 -5.85 -28.44
C GLY A 91 -12.07 -4.97 -27.77
N LEU A 92 -10.96 -5.57 -27.35
CA LEU A 92 -9.84 -4.81 -26.77
C LEU A 92 -8.90 -4.29 -27.84
N THR A 93 -8.47 -3.03 -27.70
CA THR A 93 -7.41 -2.50 -28.54
C THR A 93 -6.07 -3.02 -28.01
N ILE A 94 -5.36 -3.77 -28.84
CA ILE A 94 -4.08 -4.34 -28.42
C ILE A 94 -2.95 -3.69 -29.20
N HIS A 95 -2.17 -2.90 -28.47
CA HIS A 95 -0.96 -2.27 -28.99
C HIS A 95 0.19 -3.28 -29.01
N PHE A 96 1.06 -3.17 -30.02
CA PHE A 96 2.31 -3.91 -30.03
C PHE A 96 3.38 -3.22 -30.85
N ALA A 97 4.63 -3.30 -30.39
CA ALA A 97 5.76 -2.92 -31.23
C ALA A 97 6.28 -4.21 -31.86
N ALA A 98 6.98 -4.09 -32.99
CA ALA A 98 7.46 -5.27 -33.70
C ALA A 98 8.64 -5.00 -34.61
N LEU A 99 9.53 -5.99 -34.71
CA LEU A 99 10.46 -6.12 -35.82
C LEU A 99 10.09 -7.38 -36.59
N PHE A 100 9.52 -7.19 -37.79
CA PHE A 100 9.16 -8.31 -38.65
C PHE A 100 10.25 -8.58 -39.67
N SER A 101 10.65 -9.84 -39.75
CA SER A 101 11.60 -10.30 -40.76
C SER A 101 10.92 -10.47 -42.14
N GLU A 102 11.71 -10.33 -43.20
CA GLU A 102 11.21 -10.62 -44.54
C GLU A 102 11.44 -12.07 -44.91
N ARG A 103 12.16 -12.80 -44.06
CA ARG A 103 12.40 -14.22 -44.25
C ARG A 103 11.15 -15.00 -43.91
N GLU A 104 10.75 -15.88 -44.83
CA GLU A 104 9.59 -16.74 -44.64
C GLU A 104 9.82 -17.73 -43.48
N ASP A 105 11.08 -18.11 -43.27
CA ASP A 105 11.44 -19.08 -42.24
C ASP A 105 11.75 -18.49 -40.84
N ALA A 106 11.59 -17.17 -40.69
CA ALA A 106 11.93 -16.52 -39.42
C ALA A 106 11.12 -17.12 -38.26
N VAL A 107 11.76 -17.30 -37.10
CA VAL A 107 11.07 -17.86 -35.95
C VAL A 107 10.26 -16.74 -35.28
N PRO A 108 8.94 -16.92 -35.13
CA PRO A 108 8.12 -15.92 -34.43
C PRO A 108 8.31 -16.01 -32.92
N ILE A 109 8.56 -14.87 -32.29
CA ILE A 109 8.74 -14.80 -30.84
C ILE A 109 7.91 -13.62 -30.32
N ALA A 110 7.21 -13.84 -29.22
CA ALA A 110 6.60 -12.72 -28.48
C ALA A 110 7.34 -12.54 -27.16
N LEU A 111 7.69 -11.30 -26.86
CA LEU A 111 8.41 -10.98 -25.63
C LEU A 111 7.46 -10.20 -24.74
N LEU A 112 7.27 -10.69 -23.52
CA LEU A 112 6.18 -10.23 -22.65
C LEU A 112 6.67 -9.50 -21.40
N HIS A 113 6.25 -8.25 -21.26
CA HIS A 113 6.61 -7.39 -20.14
C HIS A 113 5.74 -7.70 -18.91
N GLY A 114 5.96 -6.93 -17.82
CA GLY A 114 5.06 -6.96 -16.67
C GLY A 114 4.89 -5.59 -16.03
N TRP A 115 4.66 -5.58 -14.71
CA TRP A 115 4.45 -4.36 -13.92
C TRP A 115 5.68 -4.13 -13.04
N PRO A 116 6.20 -2.89 -12.97
CA PRO A 116 5.70 -1.67 -13.58
C PRO A 116 6.34 -1.37 -14.93
N GLY A 117 6.53 -2.41 -15.75
CA GLY A 117 7.19 -2.26 -17.04
C GLY A 117 6.20 -2.07 -18.18
N SER A 118 6.65 -2.33 -19.39
CA SER A 118 5.86 -2.10 -20.60
C SER A 118 6.65 -2.59 -21.80
N PHE A 119 6.05 -2.46 -22.99
CA PHE A 119 6.71 -2.86 -24.23
C PHE A 119 8.08 -2.19 -24.44
N VAL A 120 8.27 -1.00 -23.87
N VAL A 120 8.28 -1.00 -23.88
CA VAL A 120 9.50 -0.23 -24.05
CA VAL A 120 9.51 -0.25 -24.11
C VAL A 120 10.68 -0.94 -23.40
C VAL A 120 10.69 -0.80 -23.25
N GLU A 121 10.40 -1.79 -22.41
CA GLU A 121 11.46 -2.53 -21.72
C GLU A 121 12.33 -3.29 -22.71
N PHE A 122 11.72 -3.73 -23.82
CA PHE A 122 12.39 -4.55 -24.83
C PHE A 122 13.05 -3.74 -25.96
N TYR A 123 12.92 -2.42 -25.89
CA TYR A 123 13.47 -1.56 -26.95
C TYR A 123 14.99 -1.64 -27.10
N PRO A 124 15.76 -1.67 -25.98
CA PRO A 124 17.21 -1.91 -26.16
C PRO A 124 17.57 -3.20 -26.91
N ILE A 125 16.76 -4.25 -26.77
CA ILE A 125 16.98 -5.51 -27.50
C ILE A 125 16.56 -5.40 -28.99
N LEU A 126 15.43 -4.75 -29.25
CA LEU A 126 15.05 -4.42 -30.63
C LEU A 126 16.12 -3.57 -31.35
N GLN A 127 16.72 -2.63 -30.61
CA GLN A 127 17.78 -1.77 -31.15
C GLN A 127 19.01 -2.57 -31.58
N LEU A 128 19.46 -3.50 -30.74
CA LEU A 128 20.56 -4.39 -31.09
C LEU A 128 20.25 -5.21 -32.33
N PHE A 129 19.03 -5.74 -32.42
CA PHE A 129 18.64 -6.50 -33.62
C PHE A 129 18.71 -5.66 -34.89
N ARG A 130 18.21 -4.42 -34.81
CA ARG A 130 18.23 -3.49 -35.95
C ARG A 130 19.63 -2.99 -36.31
N GLU A 131 20.51 -2.87 -35.31
CA GLU A 131 21.90 -2.53 -35.56
C GLU A 131 22.64 -3.69 -36.26
N GLU A 132 22.11 -4.90 -36.08
CA GLU A 132 22.88 -6.10 -36.41
C GLU A 132 22.26 -7.00 -37.50
N TYR A 133 21.08 -6.64 -37.98
CA TYR A 133 20.39 -7.36 -39.04
C TYR A 133 19.68 -6.39 -39.99
N THR A 134 19.37 -6.86 -41.21
CA THR A 134 18.44 -6.11 -42.07
C THR A 134 17.12 -6.90 -42.10
N PRO A 135 16.04 -6.30 -42.63
CA PRO A 135 14.82 -7.11 -42.70
C PRO A 135 14.99 -8.45 -43.44
N GLU A 136 15.92 -8.47 -44.40
CA GLU A 136 16.24 -9.66 -45.21
C GLU A 136 16.98 -10.75 -44.43
N THR A 137 17.77 -10.37 -43.42
CA THR A 137 18.58 -11.33 -42.68
C THR A 137 18.06 -11.64 -41.27
N LEU A 138 17.18 -10.80 -40.75
CA LEU A 138 16.66 -10.94 -39.37
C LEU A 138 16.12 -12.37 -39.20
N PRO A 139 16.66 -13.13 -38.24
CA PRO A 139 16.27 -14.54 -38.10
C PRO A 139 14.95 -14.82 -37.40
N PHE A 140 14.37 -13.79 -36.78
CA PHE A 140 13.17 -13.93 -35.94
C PHE A 140 12.13 -12.89 -36.30
N HIS A 141 10.85 -13.19 -36.03
CA HIS A 141 9.84 -12.13 -35.91
C HIS A 141 9.77 -11.77 -34.44
N LEU A 142 10.03 -10.51 -34.11
CA LEU A 142 10.01 -10.07 -32.71
C LEU A 142 8.76 -9.23 -32.40
N VAL A 143 7.82 -9.84 -31.69
CA VAL A 143 6.56 -9.19 -31.36
C VAL A 143 6.57 -8.76 -29.89
N VAL A 144 6.34 -7.47 -29.64
CA VAL A 144 6.35 -6.95 -28.27
C VAL A 144 4.99 -6.32 -27.94
N PRO A 145 4.05 -7.14 -27.42
CA PRO A 145 2.71 -6.61 -27.14
C PRO A 145 2.65 -5.83 -25.83
N SER A 146 1.77 -4.85 -25.80
CA SER A 146 1.29 -4.29 -24.55
C SER A 146 0.17 -5.17 -24.05
N LEU A 147 0.35 -5.73 -22.86
CA LEU A 147 -0.67 -6.57 -22.26
C LEU A 147 -1.92 -5.76 -21.97
N PRO A 148 -3.11 -6.41 -22.05
CA PRO A 148 -4.31 -5.69 -21.65
C PRO A 148 -4.10 -4.87 -20.37
N GLY A 149 -4.61 -3.64 -20.37
CA GLY A 149 -4.49 -2.74 -19.22
C GLY A 149 -3.23 -1.90 -19.16
N TYR A 150 -2.33 -2.06 -20.12
CA TYR A 150 -1.05 -1.31 -20.10
C TYR A 150 -0.87 -0.37 -21.28
N THR A 151 -0.42 0.83 -20.96
CA THR A 151 -0.11 1.89 -21.92
C THR A 151 -1.15 2.06 -23.04
N PHE A 152 -0.75 1.80 -24.29
CA PHE A 152 -1.58 2.02 -25.47
C PHE A 152 -2.53 0.88 -25.79
N SER A 153 -2.49 -0.18 -24.97
CA SER A 153 -3.55 -1.19 -24.99
C SER A 153 -4.72 -0.74 -24.09
N SER A 154 -5.95 -1.02 -24.54
CA SER A 154 -7.12 -0.70 -23.73
C SER A 154 -7.35 -1.86 -22.74
N GLY A 155 -8.51 -1.82 -22.09
CA GLY A 155 -8.92 -2.88 -21.19
C GLY A 155 -8.30 -2.72 -19.82
N PRO A 156 -8.52 -3.72 -18.94
CA PRO A 156 -9.35 -4.91 -19.20
C PRO A 156 -10.84 -4.54 -19.13
N PRO A 157 -11.75 -5.49 -19.43
CA PRO A 157 -13.18 -5.16 -19.43
C PRO A 157 -13.70 -4.51 -18.14
N LEU A 158 -14.74 -3.69 -18.29
CA LEU A 158 -15.40 -3.03 -17.15
C LEU A 158 -16.48 -3.87 -16.50
N ASP A 159 -16.97 -4.88 -17.22
CA ASP A 159 -18.22 -5.55 -16.85
C ASP A 159 -18.00 -7.02 -16.47
N LYS A 160 -16.73 -7.42 -16.39
CA LYS A 160 -16.36 -8.77 -16.02
C LYS A 160 -14.91 -8.82 -15.55
N ASP A 161 -14.59 -9.82 -14.74
CA ASP A 161 -13.24 -10.05 -14.24
C ASP A 161 -12.31 -10.44 -15.40
N PHE A 162 -11.00 -10.34 -15.18
CA PHE A 162 -9.99 -10.62 -16.20
C PHE A 162 -8.75 -11.09 -15.45
N GLY A 163 -8.16 -12.19 -15.92
CA GLY A 163 -6.98 -12.74 -15.24
C GLY A 163 -5.86 -13.15 -16.16
N LEU A 164 -4.95 -13.98 -15.63
CA LEU A 164 -3.76 -14.44 -16.34
C LEU A 164 -4.11 -15.25 -17.60
N MET A 165 -5.08 -16.16 -17.48
CA MET A 165 -5.50 -16.97 -18.63
C MET A 165 -6.13 -16.13 -19.74
N ASP A 166 -6.85 -15.07 -19.36
CA ASP A 166 -7.39 -14.12 -20.33
C ASP A 166 -6.24 -13.38 -21.05
N ASN A 167 -5.23 -12.97 -20.29
CA ASN A 167 -4.02 -12.39 -20.89
C ASN A 167 -3.33 -13.35 -21.87
N ALA A 168 -3.13 -14.59 -21.45
CA ALA A 168 -2.55 -15.63 -22.32
C ALA A 168 -3.36 -15.81 -23.61
N ARG A 169 -4.68 -15.93 -23.47
CA ARG A 169 -5.56 -16.14 -24.61
C ARG A 169 -5.44 -15.01 -25.65
N VAL A 170 -5.40 -13.77 -25.18
CA VAL A 170 -5.20 -12.61 -26.05
C VAL A 170 -3.84 -12.63 -26.79
N VAL A 171 -2.75 -12.91 -26.07
CA VAL A 171 -1.41 -12.97 -26.67
C VAL A 171 -1.35 -14.04 -27.78
N ASP A 172 -1.89 -15.23 -27.49
CA ASP A 172 -1.92 -16.34 -28.46
C ASP A 172 -2.72 -15.94 -29.70
N GLN A 173 -3.82 -15.20 -29.49
CA GLN A 173 -4.65 -14.75 -30.60
C GLN A 173 -3.93 -13.72 -31.46
N LEU A 174 -3.20 -12.81 -30.83
CA LEU A 174 -2.36 -11.89 -31.57
C LEU A 174 -1.38 -12.63 -32.45
N MET A 175 -0.70 -13.63 -31.88
CA MET A 175 0.29 -14.38 -32.64
C MET A 175 -0.35 -15.11 -33.80
N LYS A 176 -1.56 -15.63 -33.57
CA LYS A 176 -2.36 -16.27 -34.61
C LYS A 176 -2.82 -15.30 -35.68
N ASP A 177 -3.21 -14.10 -35.27
CA ASP A 177 -3.66 -13.06 -36.20
C ASP A 177 -2.52 -12.61 -37.11
N LEU A 178 -1.30 -12.59 -36.57
CA LEU A 178 -0.11 -12.16 -37.30
C LEU A 178 0.46 -13.26 -38.20
N GLY A 179 -0.17 -14.43 -38.17
CA GLY A 179 0.19 -15.54 -39.05
C GLY A 179 0.97 -16.67 -38.41
N PHE A 180 1.04 -16.69 -37.07
CA PHE A 180 1.95 -17.61 -36.36
C PHE A 180 1.28 -18.83 -35.70
N GLY A 181 0.12 -19.22 -36.20
CA GLY A 181 -0.60 -20.37 -35.67
C GLY A 181 0.14 -21.70 -35.82
N SER A 182 1.10 -21.77 -36.73
CA SER A 182 1.89 -23.00 -36.87
C SER A 182 3.04 -23.08 -35.86
N GLY A 183 3.24 -22.02 -35.09
CA GLY A 183 4.23 -22.05 -34.02
C GLY A 183 4.84 -20.73 -33.66
N TYR A 184 4.99 -20.50 -32.36
CA TYR A 184 5.78 -19.38 -31.87
C TYR A 184 6.49 -19.74 -30.58
N ILE A 185 7.45 -18.90 -30.21
CA ILE A 185 8.18 -19.04 -28.96
C ILE A 185 7.82 -17.83 -28.09
N ILE A 186 7.81 -18.02 -26.76
CA ILE A 186 7.57 -16.93 -25.81
C ILE A 186 8.83 -16.59 -25.00
N GLN A 187 9.11 -15.30 -24.85
CA GLN A 187 10.08 -14.85 -23.83
C GLN A 187 9.30 -14.09 -22.78
N GLY A 188 9.46 -14.48 -21.52
CA GLY A 188 8.66 -13.85 -20.46
C GLY A 188 9.40 -13.63 -19.16
N GLY A 189 9.25 -12.43 -18.60
CA GLY A 189 9.69 -12.11 -17.26
C GLY A 189 8.53 -11.49 -16.49
N ASP A 190 8.67 -11.38 -15.18
CA ASP A 190 7.64 -10.74 -14.36
C ASP A 190 6.26 -11.37 -14.61
N ILE A 191 5.20 -10.56 -14.72
CA ILE A 191 3.86 -11.07 -15.04
C ILE A 191 3.85 -11.85 -16.37
N GLY A 192 4.67 -11.40 -17.32
CA GLY A 192 4.85 -12.09 -18.59
C GLY A 192 5.36 -13.52 -18.48
N SER A 193 5.98 -13.86 -17.35
CA SER A 193 6.44 -15.24 -17.11
C SER A 193 5.29 -16.12 -16.64
N PHE A 194 4.36 -15.54 -15.88
CA PHE A 194 3.12 -16.22 -15.51
C PHE A 194 2.29 -16.51 -16.76
N VAL A 195 2.17 -15.50 -17.62
CA VAL A 195 1.44 -15.59 -18.89
C VAL A 195 2.14 -16.56 -19.84
N GLY A 196 3.46 -16.46 -19.92
CA GLY A 196 4.27 -17.36 -20.76
C GLY A 196 4.14 -18.83 -20.35
N ARG A 197 4.18 -19.09 -19.05
CA ARG A 197 3.97 -20.46 -18.55
C ARG A 197 2.62 -21.01 -19.01
N LEU A 198 1.56 -20.21 -18.87
CA LEU A 198 0.21 -20.62 -19.29
C LEU A 198 0.13 -20.93 -20.78
N LEU A 199 0.84 -20.14 -21.59
CA LEU A 199 0.95 -20.40 -23.02
C LEU A 199 1.64 -21.73 -23.29
N GLY A 200 2.75 -21.97 -22.59
CA GLY A 200 3.49 -23.24 -22.70
C GLY A 200 2.66 -24.45 -22.29
N VAL A 201 1.92 -24.28 -21.20
CA VAL A 201 1.07 -25.33 -20.64
C VAL A 201 -0.11 -25.70 -21.54
N GLY A 202 -0.79 -24.69 -22.08
CA GLY A 202 -2.13 -24.92 -22.63
C GLY A 202 -2.41 -24.53 -24.06
N PHE A 203 -1.44 -23.90 -24.73
CA PHE A 203 -1.67 -23.37 -26.06
C PHE A 203 -0.78 -24.08 -27.08
N ASP A 204 -1.44 -24.80 -27.99
CA ASP A 204 -0.74 -25.66 -28.95
C ASP A 204 0.25 -24.92 -29.86
N ALA A 205 -0.07 -23.68 -30.24
CA ALA A 205 0.81 -22.90 -31.12
C ALA A 205 2.09 -22.42 -30.43
N CYS A 206 2.07 -22.37 -29.10
CA CYS A 206 3.27 -22.02 -28.33
C CYS A 206 4.14 -23.26 -28.24
N LYS A 207 5.30 -23.21 -28.89
CA LYS A 207 6.15 -24.38 -29.06
C LYS A 207 7.27 -24.49 -28.02
N ALA A 208 7.60 -23.36 -27.39
CA ALA A 208 8.73 -23.28 -26.45
C ALA A 208 8.62 -21.99 -25.64
N VAL A 209 9.13 -22.04 -24.41
CA VAL A 209 9.06 -20.89 -23.50
C VAL A 209 10.41 -20.66 -22.82
N HIS A 210 10.91 -19.43 -22.95
CA HIS A 210 12.07 -18.97 -22.20
C HIS A 210 11.60 -17.96 -21.15
N LEU A 211 12.03 -18.16 -19.91
CA LEU A 211 11.68 -17.27 -18.80
C LEU A 211 12.91 -16.70 -18.11
N ASN A 212 12.77 -15.50 -17.55
CA ASN A 212 13.76 -14.97 -16.63
C ASN A 212 13.17 -14.71 -15.24
N LEU A 213 12.04 -15.36 -14.95
CA LEU A 213 11.45 -15.39 -13.60
C LEU A 213 10.74 -16.72 -13.37
N CYS A 214 11.00 -17.36 -12.24
CA CYS A 214 10.28 -18.58 -11.87
C CYS A 214 9.90 -18.52 -10.40
N ALA A 215 8.89 -17.71 -10.08
CA ALA A 215 8.46 -17.51 -8.69
C ALA A 215 7.83 -18.79 -8.15
N MET A 216 8.44 -19.39 -7.13
CA MET A 216 7.98 -20.69 -6.62
C MET A 216 8.34 -21.02 -5.17
N ARG A 217 7.56 -21.91 -4.57
CA ARG A 217 7.86 -22.50 -3.26
C ARG A 217 8.83 -23.67 -3.44
N ALA A 218 9.36 -24.17 -2.33
CA ALA A 218 10.14 -25.41 -2.33
C ALA A 218 9.31 -26.55 -2.93
N PRO A 219 9.89 -27.34 -3.85
CA PRO A 219 9.13 -28.42 -4.48
C PRO A 219 8.76 -29.50 -3.46
N PRO A 220 7.51 -30.03 -3.55
CA PRO A 220 7.01 -31.07 -2.64
C PRO A 220 7.87 -32.32 -2.60
N GLU A 221 8.28 -32.82 -3.76
CA GLU A 221 9.11 -34.03 -3.85
C GLU A 221 10.61 -33.73 -3.85
N GLY A 222 10.98 -32.54 -3.36
CA GLY A 222 12.38 -32.12 -3.34
C GLY A 222 12.93 -31.74 -4.73
N PRO A 223 14.23 -31.45 -4.82
CA PRO A 223 15.20 -31.51 -3.71
C PRO A 223 14.93 -30.50 -2.60
N SER A 224 15.31 -30.86 -1.39
CA SER A 224 15.08 -30.07 -0.19
C SER A 224 15.99 -28.84 -0.13
N ILE A 225 15.67 -27.91 0.78
CA ILE A 225 16.50 -26.73 1.03
C ILE A 225 17.93 -27.10 1.46
N GLU A 226 18.09 -28.16 2.24
CA GLU A 226 19.43 -28.54 2.72
C GLU A 226 20.34 -29.11 1.61
N SER A 227 19.75 -29.52 0.49
CA SER A 227 20.52 -30.00 -0.67
C SER A 227 21.10 -28.83 -1.49
N LEU A 228 20.67 -27.62 -1.17
CA LEU A 228 21.12 -26.43 -1.91
C LEU A 228 22.52 -25.98 -1.51
N SER A 229 23.28 -25.48 -2.48
CA SER A 229 24.59 -24.91 -2.20
C SER A 229 24.44 -23.67 -1.34
N ALA A 230 25.53 -23.23 -0.72
CA ALA A 230 25.54 -22.02 0.12
C ALA A 230 25.05 -20.78 -0.66
N ALA A 231 25.43 -20.70 -1.93
CA ALA A 231 25.01 -19.60 -2.82
C ALA A 231 23.52 -19.68 -3.16
N GLU A 232 23.01 -20.89 -3.43
CA GLU A 232 21.58 -21.05 -3.71
C GLU A 232 20.76 -20.74 -2.46
N LYS A 233 21.31 -21.08 -1.29
CA LYS A 233 20.66 -20.74 -0.01
C LYS A 233 20.59 -19.23 0.22
N GLU A 234 21.64 -18.51 -0.16
CA GLU A 234 21.64 -17.03 -0.11
C GLU A 234 20.52 -16.45 -0.97
N GLY A 235 20.29 -17.04 -2.14
CA GLY A 235 19.20 -16.64 -3.03
C GLY A 235 17.82 -16.87 -2.44
N ILE A 236 17.62 -18.04 -1.84
CA ILE A 236 16.36 -18.37 -1.16
C ILE A 236 16.10 -17.41 0.01
N ALA A 237 17.16 -17.03 0.71
CA ALA A 237 17.11 -16.04 1.79
C ALA A 237 16.69 -14.66 1.28
N ARG A 238 17.20 -14.26 0.12
CA ARG A 238 16.81 -13.00 -0.51
C ARG A 238 15.34 -13.07 -0.91
N MET A 239 14.93 -14.21 -1.46
CA MET A 239 13.53 -14.39 -1.85
C MET A 239 12.59 -14.30 -0.64
N GLU A 240 12.99 -14.92 0.47
CA GLU A 240 12.14 -14.93 1.66
C GLU A 240 11.99 -13.53 2.22
N LYS A 241 13.05 -12.74 2.19
CA LYS A 241 12.98 -11.35 2.62
C LYS A 241 12.07 -10.53 1.70
N PHE A 242 12.15 -10.79 0.39
CA PHE A 242 11.22 -10.16 -0.55
C PHE A 242 9.78 -10.54 -0.22
N MET A 243 9.55 -11.82 0.06
N MET A 243 9.52 -11.82 0.03
CA MET A 243 8.22 -12.36 0.36
CA MET A 243 8.16 -12.26 0.32
C MET A 243 7.61 -11.82 1.67
C MET A 243 7.61 -11.57 1.59
N THR A 244 8.47 -11.35 2.57
CA THR A 244 8.04 -10.85 3.88
C THR A 244 8.14 -9.34 4.09
N ASP A 245 9.18 -8.71 3.53
CA ASP A 245 9.41 -7.27 3.68
C ASP A 245 9.11 -6.47 2.41
N GLY A 246 9.03 -7.15 1.26
CA GLY A 246 8.93 -6.47 -0.02
C GLY A 246 7.64 -6.60 -0.81
N LEU A 247 6.65 -7.33 -0.27
CA LEU A 247 5.42 -7.62 -1.03
C LEU A 247 4.18 -6.81 -0.65
N ALA A 248 4.31 -5.85 0.25
CA ALA A 248 3.14 -5.08 0.67
C ALA A 248 2.45 -4.36 -0.49
N TYR A 249 3.22 -3.77 -1.40
CA TYR A 249 2.67 -3.11 -2.61
C TYR A 249 1.73 -4.09 -3.37
N ALA A 250 2.19 -5.32 -3.54
CA ALA A 250 1.46 -6.34 -4.31
C ALA A 250 0.19 -6.78 -3.57
N MET A 251 0.27 -6.94 -2.26
N MET A 251 0.31 -6.94 -2.26
CA MET A 251 -0.92 -7.28 -1.48
CA MET A 251 -0.83 -7.21 -1.37
C MET A 251 -1.97 -6.15 -1.48
C MET A 251 -1.91 -6.16 -1.56
N GLU A 252 -1.52 -4.89 -1.59
CA GLU A 252 -2.44 -3.76 -1.82
C GLU A 252 -3.08 -3.83 -3.23
N HIS A 253 -2.26 -4.07 -4.25
CA HIS A 253 -2.79 -4.26 -5.62
C HIS A 253 -3.82 -5.39 -5.63
N SER A 254 -3.52 -6.46 -4.90
CA SER A 254 -4.32 -7.66 -4.87
C SER A 254 -5.66 -7.46 -4.16
N THR A 255 -5.62 -6.93 -2.93
CA THR A 255 -6.80 -6.82 -2.08
C THR A 255 -7.63 -5.55 -2.29
N ARG A 256 -6.96 -4.45 -2.65
CA ARG A 256 -7.63 -3.16 -2.77
C ARG A 256 -7.25 -2.40 -4.06
N PRO A 257 -7.42 -3.07 -5.23
CA PRO A 257 -7.00 -2.45 -6.50
C PRO A 257 -7.68 -1.13 -6.77
N SER A 258 -8.94 -1.01 -6.38
CA SER A 258 -9.69 0.21 -6.64
C SER A 258 -9.15 1.38 -5.82
N THR A 259 -8.93 1.15 -4.53
CA THR A 259 -8.33 2.17 -3.68
C THR A 259 -6.96 2.64 -4.19
N ILE A 260 -6.02 1.72 -4.39
CA ILE A 260 -4.67 2.11 -4.79
C ILE A 260 -4.69 2.73 -6.19
N GLY A 261 -5.59 2.23 -7.04
CA GLY A 261 -5.81 2.80 -8.38
C GLY A 261 -6.13 4.28 -8.33
N HIS A 262 -7.05 4.66 -7.45
CA HIS A 262 -7.38 6.08 -7.26
C HIS A 262 -6.25 6.86 -6.62
N VAL A 263 -5.63 6.26 -5.59
CA VAL A 263 -4.52 6.91 -4.90
C VAL A 263 -3.43 7.35 -5.89
N LEU A 264 -3.01 6.42 -6.75
CA LEU A 264 -1.90 6.69 -7.68
C LEU A 264 -2.33 7.45 -8.94
N SER A 265 -3.63 7.54 -9.20
CA SER A 265 -4.12 8.39 -10.29
C SER A 265 -4.23 9.87 -9.92
N SER A 266 -4.21 10.18 -8.62
CA SER A 266 -4.54 11.54 -8.16
C SER A 266 -3.42 12.55 -8.41
N SER A 267 -2.18 12.08 -8.33
CA SER A 267 -1.00 12.92 -8.46
C SER A 267 0.12 12.17 -9.15
N PRO A 268 0.86 12.83 -10.07
CA PRO A 268 1.99 12.15 -10.72
C PRO A 268 3.12 11.82 -9.74
N ILE A 269 3.18 12.56 -8.63
CA ILE A 269 4.18 12.35 -7.58
C ILE A 269 3.83 11.12 -6.74
N ALA A 270 2.54 10.89 -6.48
CA ALA A 270 2.10 9.60 -5.89
C ALA A 270 2.62 8.42 -6.72
N LEU A 271 2.35 8.47 -8.03
CA LEU A 271 2.77 7.41 -8.96
C LEU A 271 4.27 7.21 -8.98
N LEU A 272 5.01 8.32 -9.04
CA LEU A 272 6.48 8.28 -9.05
C LEU A 272 7.02 7.59 -7.79
N ALA A 273 6.48 7.97 -6.63
CA ALA A 273 6.93 7.39 -5.35
C ALA A 273 6.76 5.87 -5.32
N TRP A 274 5.55 5.42 -5.65
CA TRP A 274 5.18 4.00 -5.61
C TRP A 274 5.94 3.19 -6.66
N ILE A 275 5.96 3.66 -7.90
CA ILE A 275 6.63 2.94 -8.98
C ILE A 275 8.16 3.15 -8.94
N GLY A 276 8.57 4.40 -8.70
CA GLY A 276 9.99 4.73 -8.50
C GLY A 276 10.69 3.86 -7.50
N GLU A 277 10.01 3.53 -6.40
CA GLU A 277 10.61 2.69 -5.38
C GLU A 277 11.13 1.36 -5.96
N LYS A 278 10.35 0.78 -6.86
CA LYS A 278 10.70 -0.51 -7.45
C LYS A 278 11.79 -0.42 -8.53
N TYR A 279 11.77 0.65 -9.33
CA TYR A 279 12.86 0.88 -10.28
C TYR A 279 14.20 1.13 -9.58
N LEU A 280 14.14 1.57 -8.32
CA LEU A 280 15.33 1.71 -7.46
C LEU A 280 15.79 0.41 -6.80
N GLN A 281 14.84 -0.34 -6.25
CA GLN A 281 15.16 -1.53 -5.43
C GLN A 281 15.30 -2.81 -6.25
N TRP A 282 14.71 -2.86 -7.44
CA TRP A 282 14.64 -4.12 -8.20
C TRP A 282 15.75 -4.36 -9.21
N VAL A 283 16.58 -3.35 -9.44
CA VAL A 283 17.69 -3.45 -10.38
C VAL A 283 19.01 -3.86 -9.70
N ASP A 284 20.00 -4.26 -10.50
CA ASP A 284 21.36 -4.43 -10.02
C ASP A 284 22.08 -3.08 -10.01
N LYS A 285 22.44 -2.56 -11.17
CA LYS A 285 23.01 -1.21 -11.24
C LYS A 285 21.89 -0.18 -11.39
N PRO A 286 22.03 0.99 -10.72
CA PRO A 286 21.00 2.02 -10.79
C PRO A 286 20.70 2.44 -12.21
N LEU A 287 19.41 2.61 -12.52
CA LEU A 287 18.99 3.14 -13.81
C LEU A 287 19.21 4.64 -13.86
N PRO A 288 19.37 5.22 -15.07
CA PRO A 288 19.38 6.68 -15.17
C PRO A 288 18.08 7.24 -14.59
N SER A 289 18.18 8.39 -13.91
CA SER A 289 17.00 9.04 -13.33
C SER A 289 15.94 9.37 -14.38
N GLU A 290 16.36 9.83 -15.55
CA GLU A 290 15.46 10.13 -16.67
C GLU A 290 14.67 8.93 -17.18
N THR A 291 15.27 7.74 -17.14
CA THR A 291 14.57 6.53 -17.53
C THR A 291 13.36 6.28 -16.62
N ILE A 292 13.56 6.44 -15.31
CA ILE A 292 12.49 6.29 -14.32
C ILE A 292 11.37 7.29 -14.60
N LEU A 293 11.73 8.55 -14.82
CA LEU A 293 10.77 9.60 -15.16
C LEU A 293 10.00 9.32 -16.44
N GLU A 294 10.71 8.81 -17.44
CA GLU A 294 10.10 8.41 -18.72
C GLU A 294 9.06 7.31 -18.54
N MET A 295 9.41 6.27 -17.79
CA MET A 295 8.52 5.12 -17.55
C MET A 295 7.29 5.53 -16.75
N VAL A 296 7.51 6.28 -15.67
CA VAL A 296 6.41 6.79 -14.86
C VAL A 296 5.47 7.70 -15.68
N SER A 297 6.06 8.60 -16.48
CA SER A 297 5.28 9.50 -17.34
C SER A 297 4.44 8.72 -18.35
N LEU A 298 5.06 7.71 -18.95
CA LEU A 298 4.36 6.80 -19.85
C LEU A 298 3.11 6.20 -19.16
N TYR A 299 3.28 5.65 -17.94
CA TYR A 299 2.14 5.16 -17.15
C TYR A 299 1.11 6.25 -16.83
N TRP A 300 1.59 7.44 -16.48
CA TRP A 300 0.68 8.54 -16.14
C TRP A 300 -0.19 8.94 -17.33
N LEU A 301 0.46 9.11 -18.48
CA LEU A 301 -0.19 9.66 -19.67
C LEU A 301 -1.14 8.67 -20.34
N THR A 302 -1.01 7.39 -19.97
CA THR A 302 -1.88 6.33 -20.49
C THR A 302 -2.85 5.76 -19.45
N GLU A 303 -2.84 6.35 -18.25
CA GLU A 303 -3.63 5.84 -17.11
C GLU A 303 -3.47 4.34 -16.94
N SER A 304 -2.23 3.86 -17.01
CA SER A 304 -1.94 2.44 -16.95
C SER A 304 -2.20 1.83 -15.59
N PHE A 305 -1.80 2.53 -14.52
CA PHE A 305 -1.76 1.87 -13.23
C PHE A 305 -3.07 1.20 -12.77
N PRO A 306 -4.21 1.94 -12.75
CA PRO A 306 -5.43 1.31 -12.23
C PRO A 306 -5.97 0.16 -13.10
N ARG A 307 -5.60 0.14 -14.36
CA ARG A 307 -6.00 -0.87 -15.34
C ARG A 307 -5.10 -2.11 -15.34
N ALA A 308 -3.81 -1.90 -15.04
CA ALA A 308 -2.80 -2.94 -15.19
C ALA A 308 -2.79 -3.98 -14.06
N ILE A 309 -3.22 -3.57 -12.87
CA ILE A 309 -3.02 -4.37 -11.66
C ILE A 309 -4.02 -5.52 -11.41
N HIS A 310 -4.96 -5.71 -12.33
CA HIS A 310 -5.98 -6.79 -12.22
C HIS A 310 -5.40 -8.19 -11.97
N THR A 311 -4.24 -8.49 -12.54
CA THR A 311 -3.61 -9.82 -12.41
C THR A 311 -3.05 -10.10 -11.01
N TYR A 312 -2.90 -9.06 -10.20
CA TYR A 312 -2.33 -9.21 -8.85
C TYR A 312 -3.17 -10.09 -7.92
N ARG A 313 -4.48 -10.08 -8.12
CA ARG A 313 -5.32 -10.98 -7.32
C ARG A 313 -5.17 -12.45 -7.75
N GLU A 314 -4.52 -12.69 -8.89
CA GLU A 314 -4.10 -14.06 -9.26
C GLU A 314 -2.62 -14.37 -8.99
N THR A 315 -1.74 -13.39 -9.20
CA THR A 315 -0.29 -13.64 -9.02
C THR A 315 0.10 -13.60 -7.53
N THR A 316 -0.61 -12.76 -6.77
CA THR A 316 -0.34 -12.60 -5.34
C THR A 316 -1.65 -12.71 -4.59
N PRO A 317 -2.20 -13.93 -4.50
CA PRO A 317 -3.50 -14.10 -3.84
C PRO A 317 -3.31 -14.12 -2.32
N MET A 327 1.42 -27.34 -7.83
CA MET A 327 0.81 -27.10 -9.15
C MET A 327 1.83 -26.87 -10.26
N LEU A 328 2.97 -26.25 -9.92
CA LEU A 328 4.02 -26.01 -10.91
C LEU A 328 4.68 -27.31 -11.39
N GLN A 329 4.54 -28.37 -10.60
CA GLN A 329 5.09 -29.68 -10.93
C GLN A 329 4.08 -30.57 -11.65
N LYS A 330 2.81 -30.19 -11.58
CA LYS A 330 1.74 -30.99 -12.17
C LYS A 330 0.95 -30.22 -13.23
N GLU A 331 -0.09 -29.50 -12.83
CA GLU A 331 -0.99 -28.84 -13.78
C GLU A 331 -0.30 -27.77 -14.64
N LEU A 332 0.60 -27.00 -14.03
CA LEU A 332 1.30 -25.90 -14.71
C LEU A 332 2.73 -26.25 -15.12
N TYR A 333 3.03 -27.55 -15.17
CA TYR A 333 4.32 -28.02 -15.66
C TYR A 333 4.41 -27.77 -17.17
N ILE A 334 5.53 -27.21 -17.60
CA ILE A 334 5.76 -26.90 -19.01
C ILE A 334 6.39 -28.13 -19.68
N HIS A 335 5.61 -28.82 -20.51
CA HIS A 335 6.09 -30.05 -21.15
C HIS A 335 6.94 -29.75 -22.39
N LYS A 336 6.72 -28.57 -22.94
CA LYS A 336 7.46 -28.06 -24.08
C LYS A 336 8.89 -27.66 -23.70
N PRO A 337 9.78 -27.55 -24.71
CA PRO A 337 11.14 -27.05 -24.47
C PRO A 337 11.11 -25.77 -23.64
N PHE A 338 11.83 -25.78 -22.53
CA PHE A 338 11.75 -24.75 -21.51
C PHE A 338 13.15 -24.23 -21.22
N GLY A 339 13.34 -22.92 -21.35
CA GLY A 339 14.62 -22.28 -21.07
C GLY A 339 14.51 -21.25 -19.96
N PHE A 340 15.64 -21.01 -19.29
CA PHE A 340 15.69 -20.06 -18.19
C PHE A 340 17.00 -19.28 -18.16
N SER A 341 16.90 -17.96 -18.02
CA SER A 341 18.06 -17.10 -17.75
C SER A 341 17.99 -16.53 -16.35
N PHE A 342 19.04 -16.80 -15.57
CA PHE A 342 19.10 -16.42 -14.17
C PHE A 342 19.94 -15.17 -13.98
N PHE A 343 19.31 -14.11 -13.49
CA PHE A 343 20.01 -12.90 -13.08
C PHE A 343 19.79 -12.78 -11.58
N PRO A 344 20.90 -12.68 -10.81
CA PRO A 344 20.90 -12.88 -9.35
C PRO A 344 20.11 -11.83 -8.52
N LYS A 345 19.95 -10.63 -9.05
CA LYS A 345 19.27 -9.56 -8.31
C LYS A 345 17.79 -9.39 -8.65
N ASP A 346 17.27 -10.28 -9.50
CA ASP A 346 15.83 -10.42 -9.61
C ASP A 346 15.35 -10.91 -8.24
N LEU A 347 14.05 -10.84 -8.00
CA LEU A 347 13.53 -10.89 -6.62
C LEU A 347 13.27 -12.28 -6.05
N CYS A 348 13.18 -13.28 -6.92
CA CYS A 348 12.90 -14.65 -6.51
C CYS A 348 13.97 -15.62 -7.04
N PRO A 349 15.23 -15.45 -6.58
CA PRO A 349 16.32 -16.26 -7.13
C PRO A 349 16.28 -17.70 -6.61
N VAL A 350 15.47 -18.52 -7.26
CA VAL A 350 15.37 -19.94 -6.94
C VAL A 350 16.44 -20.73 -7.69
N PRO A 351 16.86 -21.88 -7.12
CA PRO A 351 17.91 -22.68 -7.76
C PRO A 351 17.42 -23.44 -8.98
N ARG A 352 18.35 -23.80 -9.87
CA ARG A 352 18.07 -24.58 -11.08
C ARG A 352 17.32 -25.87 -10.78
N SER A 353 17.76 -26.58 -9.73
CA SER A 353 17.15 -27.87 -9.36
C SER A 353 15.67 -27.73 -9.06
N TRP A 354 15.28 -26.57 -8.53
CA TRP A 354 13.87 -26.25 -8.28
C TRP A 354 13.13 -25.90 -9.57
N ILE A 355 13.74 -25.04 -10.38
CA ILE A 355 13.17 -24.65 -11.67
C ILE A 355 12.94 -25.87 -12.55
N ALA A 356 13.93 -26.76 -12.59
CA ALA A 356 13.87 -28.03 -13.33
C ALA A 356 12.63 -28.91 -13.06
N THR A 357 12.05 -28.78 -11.86
CA THR A 357 10.83 -29.54 -11.51
C THR A 357 9.54 -28.95 -12.10
N THR A 358 9.63 -27.75 -12.68
CA THR A 358 8.43 -27.03 -13.16
C THR A 358 8.25 -27.09 -14.67
N GLY A 359 9.20 -27.69 -15.35
CA GLY A 359 9.06 -27.90 -16.78
C GLY A 359 10.22 -28.68 -17.37
N ASN A 360 10.13 -28.94 -18.68
CA ASN A 360 11.16 -29.65 -19.44
C ASN A 360 12.33 -28.70 -19.71
N LEU A 361 13.13 -28.46 -18.68
CA LEU A 361 14.20 -27.47 -18.73
C LEU A 361 15.41 -27.98 -19.51
N VAL A 362 15.56 -27.51 -20.75
CA VAL A 362 16.62 -27.97 -21.64
C VAL A 362 17.73 -26.93 -21.80
N PHE A 363 17.54 -25.78 -21.16
CA PHE A 363 18.38 -24.61 -21.39
C PHE A 363 18.41 -23.76 -20.12
N PHE A 364 19.62 -23.51 -19.62
CA PHE A 364 19.80 -22.69 -18.42
C PHE A 364 21.05 -21.86 -18.62
N ARG A 365 20.93 -20.56 -18.33
CA ARG A 365 22.08 -19.67 -18.35
C ARG A 365 22.16 -18.89 -17.04
N ASP A 366 23.34 -18.96 -16.43
CA ASP A 366 23.65 -18.28 -15.19
C ASP A 366 24.36 -16.96 -15.52
N HIS A 367 23.98 -15.90 -14.82
CA HIS A 367 24.68 -14.62 -14.98
C HIS A 367 25.17 -14.09 -13.64
N ALA A 368 26.32 -13.41 -13.66
CA ALA A 368 26.93 -12.87 -12.47
C ALA A 368 26.32 -11.54 -12.03
N GLU A 369 25.75 -10.81 -12.99
CA GLU A 369 25.09 -9.53 -12.68
C GLU A 369 23.73 -9.37 -13.34
N GLY A 370 23.05 -8.28 -12.98
CA GLY A 370 21.73 -7.98 -13.50
C GLY A 370 20.63 -8.27 -12.48
N GLY A 371 19.62 -7.40 -12.47
CA GLY A 371 18.48 -7.56 -11.58
C GLY A 371 17.20 -7.92 -12.31
N HIS A 372 16.09 -7.37 -11.84
CA HIS A 372 14.76 -7.79 -12.26
C HIS A 372 14.40 -7.39 -13.70
N PHE A 373 14.83 -6.20 -14.10
CA PHE A 373 14.48 -5.70 -15.41
C PHE A 373 15.52 -6.16 -16.42
N ALA A 374 15.56 -7.46 -16.66
CA ALA A 374 16.65 -8.09 -17.44
C ALA A 374 16.84 -7.43 -18.80
N ALA A 375 15.74 -7.23 -19.53
CA ALA A 375 15.80 -6.64 -20.87
C ALA A 375 16.37 -5.22 -20.87
N LEU A 376 16.07 -4.43 -19.82
CA LEU A 376 16.62 -3.07 -19.68
C LEU A 376 18.05 -3.03 -19.16
N GLU A 377 18.37 -3.93 -18.23
CA GLU A 377 19.65 -3.89 -17.49
C GLU A 377 20.76 -4.62 -18.23
N ARG A 378 20.43 -5.80 -18.78
CA ARG A 378 21.42 -6.64 -19.47
C ARG A 378 20.87 -7.06 -20.83
N PRO A 379 20.61 -6.09 -21.73
CA PRO A 379 19.93 -6.41 -22.99
C PRO A 379 20.73 -7.39 -23.86
N ARG A 380 22.06 -7.29 -23.85
CA ARG A 380 22.89 -8.16 -24.67
C ARG A 380 22.82 -9.61 -24.21
N GLU A 381 22.95 -9.81 -22.91
CA GLU A 381 22.88 -11.14 -22.31
C GLU A 381 21.52 -11.80 -22.53
N LEU A 382 20.42 -11.06 -22.36
CA LEU A 382 19.09 -11.62 -22.60
C LEU A 382 18.86 -11.95 -24.08
N LYS A 383 19.26 -11.04 -24.97
CA LYS A 383 19.18 -11.27 -26.42
C LYS A 383 19.98 -12.51 -26.84
N THR A 384 21.24 -12.56 -26.40
CA THR A 384 22.12 -13.70 -26.64
C THR A 384 21.56 -15.02 -26.13
N ASP A 385 21.05 -15.01 -24.88
CA ASP A 385 20.43 -16.19 -24.27
C ASP A 385 19.24 -16.66 -25.08
N LEU A 386 18.37 -15.73 -25.44
CA LEU A 386 17.15 -16.06 -26.18
C LEU A 386 17.49 -16.64 -27.56
N THR A 387 18.45 -16.02 -28.23
CA THR A 387 18.97 -16.48 -29.53
C THR A 387 19.50 -17.92 -29.46
N ALA A 388 20.30 -18.23 -28.43
CA ALA A 388 20.85 -19.57 -28.23
C ALA A 388 19.74 -20.59 -27.95
N PHE A 389 18.77 -20.19 -27.14
CA PHE A 389 17.60 -21.01 -26.86
C PHE A 389 16.80 -21.37 -28.12
N VAL A 390 16.45 -20.35 -28.91
CA VAL A 390 15.73 -20.58 -30.16
C VAL A 390 16.55 -21.51 -31.08
N GLU A 391 17.84 -21.22 -31.26
CA GLU A 391 18.72 -22.07 -32.07
C GLU A 391 18.79 -23.51 -31.56
N GLN A 392 18.70 -23.70 -30.25
CA GLN A 392 18.69 -25.05 -29.67
C GLN A 392 17.40 -25.83 -29.91
N VAL A 393 16.25 -25.18 -29.68
CA VAL A 393 14.98 -25.92 -29.59
C VAL A 393 14.07 -25.86 -30.82
N TRP A 394 14.28 -24.85 -31.67
CA TRP A 394 13.44 -24.69 -32.85
C TRP A 394 14.06 -25.47 -34.02
N LYS B 1 -12.36 28.42 29.78
CA LYS B 1 -11.76 28.55 31.14
C LYS B 1 -12.36 27.56 32.14
N ALA B 2 -13.61 27.16 31.93
CA ALA B 2 -14.23 26.10 32.72
C ALA B 2 -13.57 24.76 32.35
N PHE B 3 -13.18 24.00 33.37
CA PHE B 3 -12.54 22.69 33.22
C PHE B 3 -11.08 22.77 32.76
N ALA B 4 -10.49 23.96 32.80
CA ALA B 4 -9.20 24.19 32.19
C ALA B 4 -8.05 24.36 33.20
N LYS B 5 -8.38 24.35 34.49
CA LYS B 5 -7.39 24.50 35.58
C LYS B 5 -6.59 23.22 35.83
N PHE B 6 -5.27 23.31 35.73
CA PHE B 6 -4.38 22.18 36.01
C PHE B 6 -4.49 21.79 37.49
N PRO B 7 -4.47 20.48 37.79
CA PRO B 7 -4.45 20.01 39.18
C PRO B 7 -3.34 20.65 40.00
N SER B 8 -3.59 20.78 41.30
CA SER B 8 -2.67 21.46 42.22
C SER B 8 -1.25 20.91 42.17
N SER B 9 -1.13 19.60 41.95
CA SER B 9 0.17 18.92 41.94
C SER B 9 0.88 18.85 40.57
N ALA B 10 0.29 19.48 39.54
CA ALA B 10 0.96 19.62 38.23
C ALA B 10 2.28 20.34 38.36
N SER B 11 3.29 19.90 37.61
CA SER B 11 4.61 20.51 37.66
C SER B 11 4.92 21.36 36.42
N ILE B 12 3.98 21.40 35.48
CA ILE B 12 4.08 22.24 34.28
C ILE B 12 3.07 23.38 34.36
N SER B 13 3.37 24.49 33.69
CA SER B 13 2.42 25.60 33.59
C SER B 13 1.50 25.37 32.41
N PRO B 14 0.23 25.83 32.51
CA PRO B 14 -0.64 25.71 31.35
C PRO B 14 -0.17 26.56 30.17
N ASN B 15 -0.05 25.93 29.01
N ASN B 15 -0.04 25.95 29.01
CA ASN B 15 0.20 26.64 27.76
CA ASN B 15 0.19 26.68 27.77
C ASN B 15 -0.99 26.41 26.83
C ASN B 15 -0.99 26.42 26.84
N PRO B 16 -2.05 27.24 26.96
CA PRO B 16 -3.30 27.03 26.23
C PRO B 16 -3.08 27.03 24.72
N PHE B 17 -3.75 26.12 24.03
CA PHE B 17 -3.54 25.93 22.60
C PHE B 17 -4.85 26.16 21.83
N THR B 18 -4.74 26.78 20.67
CA THR B 18 -5.90 27.01 19.80
C THR B 18 -5.52 26.64 18.39
N VAL B 19 -6.43 25.93 17.72
CA VAL B 19 -6.26 25.60 16.33
C VAL B 19 -6.60 26.83 15.49
N SER B 20 -5.65 27.23 14.63
CA SER B 20 -5.88 28.34 13.74
C SER B 20 -5.15 28.12 12.42
N ILE B 21 -5.83 27.53 11.46
CA ILE B 21 -5.20 27.26 10.18
C ILE B 21 -5.37 28.49 9.29
N PRO B 22 -4.26 29.05 8.76
CA PRO B 22 -4.31 30.20 7.84
C PRO B 22 -5.10 29.94 6.56
N ASP B 23 -5.75 30.98 6.05
CA ASP B 23 -6.56 30.89 4.82
C ASP B 23 -5.81 30.32 3.62
N GLU B 24 -4.54 30.69 3.48
CA GLU B 24 -3.67 30.17 2.43
C GLU B 24 -3.59 28.62 2.40
N GLN B 25 -3.54 28.01 3.59
N GLN B 25 -3.59 27.99 3.58
CA GLN B 25 -3.49 26.55 3.73
CA GLN B 25 -3.47 26.54 3.66
C GLN B 25 -4.78 25.90 3.26
C GLN B 25 -4.79 25.85 3.33
N LEU B 26 -5.91 26.54 3.59
CA LEU B 26 -7.22 26.05 3.18
C LEU B 26 -7.40 26.25 1.68
N ASP B 27 -6.88 27.36 1.16
CA ASP B 27 -6.91 27.68 -0.28
C ASP B 27 -6.15 26.64 -1.07
N ASP B 28 -4.94 26.31 -0.62
CA ASP B 28 -4.10 25.29 -1.25
C ASP B 28 -4.77 23.92 -1.24
N LEU B 29 -5.38 23.58 -0.10
CA LEU B 29 -6.11 22.31 0.05
C LEU B 29 -7.24 22.22 -0.98
N LYS B 30 -8.08 23.25 -1.05
CA LYS B 30 -9.19 23.27 -2.01
C LYS B 30 -8.72 23.10 -3.46
N THR B 31 -7.62 23.78 -3.82
CA THR B 31 -7.09 23.74 -5.17
C THR B 31 -6.58 22.34 -5.52
N LEU B 32 -5.87 21.71 -4.59
CA LEU B 32 -5.41 20.34 -4.78
C LEU B 32 -6.56 19.34 -4.89
N VAL B 33 -7.64 19.56 -4.13
CA VAL B 33 -8.83 18.71 -4.24
C VAL B 33 -9.44 18.82 -5.65
N ARG B 34 -9.56 20.04 -6.15
N ARG B 34 -9.56 20.05 -6.14
CA ARG B 34 -10.14 20.31 -7.46
CA ARG B 34 -10.12 20.37 -7.45
C ARG B 34 -9.31 19.70 -8.60
C ARG B 34 -9.33 19.75 -8.60
N LEU B 35 -8.01 19.95 -8.56
CA LEU B 35 -7.12 19.59 -9.66
C LEU B 35 -6.44 18.23 -9.55
N SER B 36 -6.56 17.57 -8.41
CA SER B 36 -6.19 16.16 -8.32
C SER B 36 -7.10 15.36 -9.26
N LYS B 37 -6.54 14.36 -9.91
CA LYS B 37 -7.28 13.53 -10.85
C LYS B 37 -7.90 12.32 -10.17
N ILE B 38 -8.90 11.77 -10.81
CA ILE B 38 -9.53 10.55 -10.34
C ILE B 38 -9.21 9.50 -11.38
N ALA B 39 -9.05 8.24 -10.95
CA ALA B 39 -8.81 7.14 -11.87
C ALA B 39 -9.95 7.04 -12.90
N PRO B 40 -9.62 6.56 -14.12
CA PRO B 40 -10.75 6.24 -15.00
C PRO B 40 -11.53 5.05 -14.40
N PRO B 41 -12.82 4.92 -14.72
CA PRO B 41 -13.55 3.75 -14.21
C PRO B 41 -12.89 2.43 -14.63
N THR B 42 -12.86 1.48 -13.71
CA THR B 42 -12.40 0.12 -13.97
C THR B 42 -13.44 -0.85 -13.44
N TYR B 43 -13.35 -2.09 -13.88
CA TYR B 43 -14.14 -3.16 -13.27
C TYR B 43 -14.14 -3.09 -11.75
N GLU B 44 -12.96 -2.93 -11.14
CA GLU B 44 -12.81 -2.91 -9.69
C GLU B 44 -13.56 -1.74 -9.04
N SER B 45 -13.39 -0.54 -9.60
CA SER B 45 -13.98 0.67 -9.01
C SER B 45 -15.47 0.81 -9.33
N LEU B 46 -15.99 -0.10 -10.15
CA LEU B 46 -17.42 -0.21 -10.44
C LEU B 46 -18.15 -1.24 -9.55
N GLN B 47 -17.42 -1.92 -8.67
CA GLN B 47 -18.04 -2.90 -7.77
C GLN B 47 -18.71 -2.18 -6.60
N ALA B 48 -20.04 -2.14 -6.62
CA ALA B 48 -20.82 -1.41 -5.61
C ALA B 48 -20.66 -1.92 -4.19
N ASP B 49 -20.32 -3.21 -4.03
CA ASP B 49 -20.08 -3.76 -2.69
C ASP B 49 -18.74 -3.33 -2.07
N GLY B 50 -17.88 -2.72 -2.88
CA GLY B 50 -16.62 -2.16 -2.42
C GLY B 50 -15.60 -3.17 -1.96
N ARG B 51 -15.71 -4.40 -2.43
CA ARG B 51 -14.78 -5.47 -2.02
C ARG B 51 -13.34 -5.19 -2.48
N PHE B 52 -13.18 -4.30 -3.46
CA PHE B 52 -11.86 -3.94 -3.96
C PHE B 52 -11.40 -2.57 -3.45
N GLY B 53 -12.15 -2.00 -2.50
CA GLY B 53 -11.86 -0.68 -1.97
C GLY B 53 -12.90 0.34 -2.39
N ILE B 54 -12.59 1.62 -2.22
CA ILE B 54 -13.54 2.71 -2.53
C ILE B 54 -13.92 2.73 -4.01
N THR B 55 -15.18 3.06 -4.28
CA THR B 55 -15.70 3.08 -5.65
C THR B 55 -15.47 4.45 -6.29
N SER B 56 -15.51 4.49 -7.62
CA SER B 56 -15.45 5.77 -8.35
C SER B 56 -16.59 6.69 -7.94
N GLU B 57 -17.77 6.10 -7.79
CA GLU B 57 -18.96 6.85 -7.41
C GLU B 57 -18.75 7.56 -6.07
N TRP B 58 -18.33 6.80 -5.06
CA TRP B 58 -18.09 7.40 -3.74
C TRP B 58 -17.04 8.52 -3.80
N LEU B 59 -15.90 8.25 -4.43
CA LEU B 59 -14.81 9.22 -4.50
C LEU B 59 -15.21 10.50 -5.25
N THR B 60 -15.94 10.31 -6.34
CA THR B 60 -16.46 11.43 -7.13
C THR B 60 -17.40 12.31 -6.29
N THR B 61 -18.36 11.66 -5.63
CA THR B 61 -19.28 12.33 -4.71
C THR B 61 -18.58 13.04 -3.55
N MET B 62 -17.61 12.36 -2.93
CA MET B 62 -16.84 12.96 -1.82
C MET B 62 -16.05 14.17 -2.24
N ARG B 63 -15.43 14.09 -3.41
CA ARG B 63 -14.72 15.24 -3.98
C ARG B 63 -15.62 16.46 -4.20
N GLU B 64 -16.79 16.24 -4.81
CA GLU B 64 -17.80 17.31 -5.03
C GLU B 64 -18.25 17.94 -3.71
N LYS B 65 -18.53 17.12 -2.71
CA LYS B 65 -18.84 17.59 -1.34
C LYS B 65 -17.69 18.35 -0.69
N TRP B 66 -16.47 17.86 -0.88
CA TRP B 66 -15.29 18.53 -0.34
C TRP B 66 -15.15 19.94 -0.92
N LEU B 67 -15.53 20.09 -2.18
CA LEU B 67 -15.38 21.39 -2.85
C LEU B 67 -16.51 22.36 -2.53
N SER B 68 -17.74 21.86 -2.46
CA SER B 68 -18.91 22.71 -2.43
C SER B 68 -19.65 22.77 -1.09
N GLU B 69 -19.43 21.78 -0.24
CA GLU B 69 -20.18 21.67 1.01
C GLU B 69 -19.27 21.77 2.25
N PHE B 70 -18.06 21.24 2.15
CA PHE B 70 -17.12 21.23 3.26
C PHE B 70 -16.67 22.63 3.67
N ASP B 71 -16.65 22.85 4.99
CA ASP B 71 -16.18 24.08 5.59
C ASP B 71 -15.36 23.74 6.85
N TRP B 72 -14.09 24.13 6.84
CA TRP B 72 -13.14 23.83 7.92
C TRP B 72 -13.40 24.63 9.20
N ARG B 73 -13.92 25.84 9.04
CA ARG B 73 -14.07 26.77 10.18
C ARG B 73 -15.00 26.34 11.33
N PRO B 74 -16.22 25.82 11.04
CA PRO B 74 -17.07 25.27 12.10
C PRO B 74 -16.47 24.03 12.80
N PHE B 75 -15.77 23.19 12.04
CA PHE B 75 -15.08 22.03 12.62
C PHE B 75 -13.94 22.50 13.51
N GLU B 76 -13.20 23.49 13.02
CA GLU B 76 -12.12 24.11 13.77
C GLU B 76 -12.62 24.72 15.09
N ALA B 77 -13.74 25.46 15.04
CA ALA B 77 -14.38 26.02 16.22
C ALA B 77 -14.78 24.92 17.20
N ARG B 78 -15.22 23.78 16.68
CA ARG B 78 -15.51 22.62 17.50
C ARG B 78 -14.25 22.05 18.19
N LEU B 79 -13.14 21.97 17.46
CA LEU B 79 -11.87 21.56 18.07
C LEU B 79 -11.54 22.47 19.24
N ASN B 80 -11.80 23.76 19.04
CA ASN B 80 -11.48 24.79 20.02
C ASN B 80 -12.50 24.96 21.14
N SER B 81 -13.52 24.10 21.15
CA SER B 81 -14.60 24.20 22.12
C SER B 81 -14.28 23.50 23.45
N PHE B 82 -13.21 22.71 23.48
CA PHE B 82 -12.71 22.13 24.74
C PHE B 82 -11.34 22.69 25.08
N PRO B 83 -10.96 22.70 26.37
CA PRO B 83 -9.58 23.12 26.71
C PRO B 83 -8.54 22.28 25.96
N GLN B 84 -7.52 22.96 25.44
CA GLN B 84 -6.40 22.32 24.77
C GLN B 84 -5.11 22.98 25.22
N PHE B 85 -4.04 22.17 25.26
CA PHE B 85 -2.74 22.63 25.72
C PHE B 85 -1.65 21.93 24.93
N THR B 86 -0.44 22.47 25.01
CA THR B 86 0.77 21.74 24.61
C THR B 86 1.77 21.80 25.75
N THR B 87 2.63 20.79 25.81
CA THR B 87 3.79 20.81 26.70
C THR B 87 4.91 20.08 25.98
N GLU B 88 6.15 20.38 26.35
CA GLU B 88 7.33 19.78 25.72
C GLU B 88 7.78 18.58 26.51
N ILE B 89 7.92 17.45 25.84
CA ILE B 89 8.43 16.22 26.47
C ILE B 89 9.45 15.57 25.54
N GLU B 90 10.69 15.46 26.02
CA GLU B 90 11.82 14.93 25.26
C GLU B 90 12.02 15.68 23.95
N GLY B 91 11.85 17.01 24.00
CA GLY B 91 11.95 17.88 22.82
C GLY B 91 10.79 17.79 21.84
N LEU B 92 9.78 16.98 22.17
CA LEU B 92 8.56 16.88 21.37
C LEU B 92 7.49 17.80 21.93
N THR B 93 6.73 18.43 21.04
CA THR B 93 5.54 19.18 21.42
C THR B 93 4.40 18.20 21.51
N ILE B 94 3.82 18.08 22.71
CA ILE B 94 2.71 17.17 22.96
C ILE B 94 1.43 17.98 23.20
N HIS B 95 0.50 17.80 22.30
CA HIS B 95 -0.81 18.44 22.36
C HIS B 95 -1.74 17.51 23.13
N PHE B 96 -2.67 18.10 23.89
CA PHE B 96 -3.73 17.35 24.55
C PHE B 96 -4.95 18.20 24.77
N ALA B 97 -6.12 17.59 24.59
CA ALA B 97 -7.37 18.17 25.09
C ALA B 97 -7.65 17.61 26.49
N ALA B 98 -8.45 18.34 27.28
CA ALA B 98 -8.73 17.93 28.65
C ALA B 98 -9.98 18.53 29.25
N LEU B 99 -10.60 17.77 30.16
CA LEU B 99 -11.56 18.30 31.11
C LEU B 99 -10.99 18.00 32.48
N PHE B 100 -10.52 19.05 33.17
CA PHE B 100 -10.00 18.91 34.52
C PHE B 100 -11.09 19.19 35.56
N SER B 101 -11.17 18.30 36.54
CA SER B 101 -12.07 18.48 37.64
C SER B 101 -11.43 19.38 38.68
N GLU B 102 -12.26 20.10 39.42
CA GLU B 102 -11.77 20.88 40.56
C GLU B 102 -11.73 20.05 41.83
N ARG B 103 -12.27 18.83 41.74
CA ARG B 103 -12.24 17.87 42.84
C ARG B 103 -10.84 17.28 43.00
N GLU B 104 -10.29 17.44 44.20
CA GLU B 104 -8.94 17.00 44.49
C GLU B 104 -8.84 15.48 44.35
N ASP B 105 -9.94 14.79 44.64
CA ASP B 105 -10.00 13.32 44.60
C ASP B 105 -10.39 12.72 43.24
N ALA B 106 -10.58 13.57 42.22
CA ALA B 106 -10.97 13.09 40.89
C ALA B 106 -9.99 12.06 40.33
N VAL B 107 -10.53 11.01 39.71
CA VAL B 107 -9.70 9.95 39.13
C VAL B 107 -9.10 10.38 37.78
N PRO B 108 -7.76 10.39 37.68
CA PRO B 108 -7.10 10.76 36.43
C PRO B 108 -7.18 9.63 35.39
N ILE B 109 -7.69 9.96 34.21
CA ILE B 109 -7.81 9.01 33.11
C ILE B 109 -7.19 9.66 31.87
N ALA B 110 -6.40 8.90 31.14
CA ALA B 110 -5.99 9.32 29.80
C ALA B 110 -6.65 8.38 28.78
N LEU B 111 -7.22 8.96 27.74
CA LEU B 111 -7.92 8.21 26.69
C LEU B 111 -7.09 8.30 25.42
N LEU B 112 -6.75 7.14 24.87
CA LEU B 112 -5.73 7.04 23.82
C LEU B 112 -6.30 6.62 22.47
N HIS B 113 -6.13 7.50 21.48
CA HIS B 113 -6.60 7.31 20.11
C HIS B 113 -5.66 6.41 19.30
N GLY B 114 -5.99 6.19 18.03
CA GLY B 114 -5.09 5.46 17.12
C GLY B 114 -5.10 6.06 15.72
N TRP B 115 -4.86 5.21 14.72
CA TRP B 115 -4.81 5.61 13.31
C TRP B 115 -6.02 4.97 12.63
N PRO B 116 -6.76 5.71 11.77
CA PRO B 116 -6.56 7.09 11.32
C PRO B 116 -7.36 8.11 12.15
N GLY B 117 -7.41 7.90 13.45
CA GLY B 117 -8.12 8.81 14.36
C GLY B 117 -7.20 9.86 14.99
N SER B 118 -7.66 10.43 16.09
CA SER B 118 -6.99 11.56 16.70
C SER B 118 -7.68 11.86 18.01
N PHE B 119 -7.21 12.91 18.69
CA PHE B 119 -7.81 13.34 19.95
C PHE B 119 -9.32 13.63 19.82
N VAL B 120 -9.75 14.14 18.66
CA VAL B 120 -11.15 14.55 18.47
C VAL B 120 -12.15 13.37 18.49
N GLU B 121 -11.66 12.16 18.29
CA GLU B 121 -12.44 10.94 18.47
C GLU B 121 -13.18 10.95 19.81
N PHE B 122 -12.54 11.50 20.83
CA PHE B 122 -13.09 11.50 22.19
C PHE B 122 -13.96 12.71 22.54
N TYR B 123 -14.12 13.64 21.61
CA TYR B 123 -14.95 14.82 21.84
C TYR B 123 -16.40 14.53 22.23
N PRO B 124 -17.09 13.58 21.56
CA PRO B 124 -18.44 13.21 22.02
C PRO B 124 -18.53 12.73 23.48
N ILE B 125 -17.53 11.98 23.95
CA ILE B 125 -17.49 11.55 25.35
C ILE B 125 -17.24 12.75 26.27
N LEU B 126 -16.30 13.60 25.90
CA LEU B 126 -16.01 14.82 26.68
C LEU B 126 -17.24 15.73 26.83
N GLN B 127 -17.99 15.89 25.73
CA GLN B 127 -19.22 16.67 25.74
C GLN B 127 -20.28 16.07 26.67
N LEU B 128 -20.41 14.74 26.67
CA LEU B 128 -21.35 14.07 27.58
C LEU B 128 -20.99 14.31 29.04
N PHE B 129 -19.71 14.27 29.39
CA PHE B 129 -19.26 14.56 30.76
C PHE B 129 -19.52 16.02 31.11
N ARG B 130 -19.18 16.92 30.19
CA ARG B 130 -19.36 18.35 30.37
C ARG B 130 -20.84 18.72 30.59
N GLU B 131 -21.75 18.05 29.89
CA GLU B 131 -23.19 18.29 30.05
C GLU B 131 -23.72 17.80 31.40
N GLU B 132 -23.08 16.75 31.92
CA GLU B 132 -23.56 16.04 33.09
C GLU B 132 -23.05 16.60 34.39
N TYR B 133 -21.87 17.21 34.35
CA TYR B 133 -21.23 17.68 35.56
C TYR B 133 -20.79 19.12 35.42
N THR B 134 -20.51 19.74 36.56
CA THR B 134 -19.78 21.00 36.61
C THR B 134 -18.33 20.67 36.98
N PRO B 135 -17.39 21.64 36.81
CA PRO B 135 -16.01 21.39 37.25
C PRO B 135 -15.89 20.96 38.71
N GLU B 136 -16.81 21.39 39.55
CA GLU B 136 -16.77 21.05 40.97
C GLU B 136 -17.36 19.69 41.29
N THR B 137 -18.15 19.12 40.37
CA THR B 137 -18.70 17.78 40.61
C THR B 137 -18.10 16.69 39.72
N LEU B 138 -17.38 17.09 38.66
CA LEU B 138 -16.79 16.13 37.71
C LEU B 138 -15.91 15.09 38.43
N PRO B 139 -16.26 13.80 38.35
CA PRO B 139 -15.56 12.79 39.15
C PRO B 139 -14.20 12.33 38.62
N PHE B 140 -13.86 12.71 37.39
CA PHE B 140 -12.63 12.26 36.75
C PHE B 140 -11.88 13.45 36.14
N HIS B 141 -10.56 13.33 36.03
CA HIS B 141 -9.78 14.16 35.10
C HIS B 141 -9.68 13.37 33.80
N LEU B 142 -10.08 14.01 32.71
CA LEU B 142 -10.15 13.38 31.40
C LEU B 142 -9.13 14.00 30.47
N VAL B 143 -8.01 13.30 30.29
CA VAL B 143 -6.91 13.77 29.46
C VAL B 143 -6.91 13.01 28.14
N VAL B 144 -6.87 13.75 27.04
CA VAL B 144 -6.97 13.17 25.69
C VAL B 144 -5.76 13.66 24.89
N PRO B 145 -4.63 12.93 24.99
CA PRO B 145 -3.42 13.40 24.33
C PRO B 145 -3.40 13.08 22.85
N SER B 146 -2.69 13.90 22.09
CA SER B 146 -2.35 13.57 20.72
C SER B 146 -1.03 12.82 20.76
N LEU B 147 -1.04 11.56 20.35
CA LEU B 147 0.17 10.73 20.36
C LEU B 147 1.24 11.34 19.46
N PRO B 148 2.53 11.12 19.80
CA PRO B 148 3.61 11.60 18.94
C PRO B 148 3.35 11.26 17.47
N GLY B 149 3.50 12.26 16.60
CA GLY B 149 3.28 12.06 15.16
C GLY B 149 1.89 12.35 14.66
N TYR B 150 0.96 12.69 15.57
CA TYR B 150 -0.42 12.99 15.17
C TYR B 150 -0.83 14.42 15.40
N THR B 151 -1.50 14.99 14.38
CA THR B 151 -2.12 16.30 14.42
C THR B 151 -1.20 17.36 15.05
N PHE B 152 -1.57 17.88 16.21
CA PHE B 152 -0.86 19.02 16.80
C PHE B 152 0.29 18.65 17.72
N SER B 153 0.52 17.34 17.87
CA SER B 153 1.75 16.86 18.48
C SER B 153 2.81 16.76 17.39
N SER B 154 4.04 17.11 17.73
CA SER B 154 5.14 17.08 16.78
C SER B 154 5.76 15.67 16.74
N GLY B 155 6.83 15.53 15.98
CA GLY B 155 7.61 14.30 15.98
C GLY B 155 6.99 13.20 15.12
N PRO B 156 7.46 11.95 15.28
CA PRO B 156 8.50 11.52 16.24
C PRO B 156 9.90 11.99 15.79
N PRO B 157 10.97 11.72 16.58
CA PRO B 157 12.29 12.26 16.25
C PRO B 157 12.79 11.84 14.86
N LEU B 158 13.65 12.68 14.28
CA LEU B 158 14.18 12.48 12.93
C LEU B 158 15.46 11.66 12.95
N ASP B 159 16.11 11.58 14.11
CA ASP B 159 17.46 11.03 14.23
C ASP B 159 17.54 9.70 14.98
N LYS B 160 16.38 9.18 15.41
CA LYS B 160 16.33 7.86 16.06
C LYS B 160 14.97 7.24 15.82
N ASP B 161 14.93 5.91 15.93
CA ASP B 161 13.70 5.14 15.80
C ASP B 161 12.77 5.44 16.99
N PHE B 162 11.48 5.20 16.80
CA PHE B 162 10.47 5.49 17.83
C PHE B 162 9.41 4.42 17.71
N GLY B 163 8.99 3.88 18.84
CA GLY B 163 8.02 2.78 18.84
C GLY B 163 6.95 2.91 19.91
N LEU B 164 6.26 1.81 20.16
CA LEU B 164 5.15 1.76 21.11
C LEU B 164 5.57 2.10 22.54
N MET B 165 6.72 1.59 22.97
N MET B 165 6.72 1.58 22.97
CA MET B 165 7.23 1.86 24.32
CA MET B 165 7.26 1.85 24.30
C MET B 165 7.57 3.34 24.51
C MET B 165 7.54 3.34 24.49
N ASP B 166 8.11 3.97 23.47
CA ASP B 166 8.39 5.40 23.48
C ASP B 166 7.11 6.23 23.64
N ASN B 167 6.06 5.80 22.92
CA ASN B 167 4.71 6.38 23.06
C ASN B 167 4.16 6.22 24.48
N ALA B 168 4.27 5.02 25.05
CA ALA B 168 3.89 4.77 26.46
C ALA B 168 4.67 5.69 27.43
N ARG B 169 5.99 5.78 27.24
CA ARG B 169 6.84 6.62 28.10
C ARG B 169 6.40 8.10 28.10
N VAL B 170 6.07 8.59 26.90
CA VAL B 170 5.64 9.98 26.72
C VAL B 170 4.32 10.25 27.45
N VAL B 171 3.36 9.32 27.27
CA VAL B 171 2.03 9.42 27.92
C VAL B 171 2.14 9.36 29.44
N ASP B 172 2.93 8.42 29.94
CA ASP B 172 3.13 8.27 31.39
C ASP B 172 3.74 9.55 31.98
N GLN B 173 4.69 10.13 31.26
CA GLN B 173 5.36 11.37 31.66
C GLN B 173 4.42 12.59 31.61
N LEU B 174 3.61 12.67 30.55
CA LEU B 174 2.57 13.71 30.48
C LEU B 174 1.68 13.63 31.73
N MET B 175 1.19 12.43 32.05
CA MET B 175 0.33 12.26 33.21
C MET B 175 1.00 12.69 34.53
N LYS B 176 2.29 12.36 34.68
CA LYS B 176 3.08 12.80 35.82
C LYS B 176 3.24 14.33 35.90
N ASP B 177 3.53 14.95 34.76
CA ASP B 177 3.64 16.40 34.63
C ASP B 177 2.35 17.12 35.06
N LEU B 178 1.21 16.51 34.72
CA LEU B 178 -0.10 17.05 35.09
C LEU B 178 -0.48 16.75 36.55
N GLY B 179 0.36 15.98 37.24
CA GLY B 179 0.23 15.81 38.68
C GLY B 179 -0.29 14.44 39.10
N PHE B 180 -0.31 13.50 38.15
CA PHE B 180 -0.94 12.20 38.40
C PHE B 180 0.05 11.07 38.68
N GLY B 181 1.20 11.42 39.23
CA GLY B 181 2.22 10.43 39.59
C GLY B 181 1.75 9.39 40.61
N SER B 182 0.77 9.75 41.44
CA SER B 182 0.25 8.81 42.43
C SER B 182 -0.70 7.77 41.80
N GLY B 183 -1.10 8.01 40.55
CA GLY B 183 -1.88 7.00 39.83
C GLY B 183 -2.85 7.54 38.79
N TYR B 184 -3.01 6.81 37.71
CA TYR B 184 -3.98 7.15 36.68
C TYR B 184 -4.48 5.88 36.01
N ILE B 185 -5.58 6.02 35.27
CA ILE B 185 -6.14 4.90 34.54
C ILE B 185 -6.05 5.25 33.05
N ILE B 186 -5.91 4.22 32.22
CA ILE B 186 -5.86 4.37 30.77
C ILE B 186 -7.07 3.70 30.12
N GLN B 187 -7.73 4.43 29.21
CA GLN B 187 -8.64 3.83 28.22
C GLN B 187 -7.91 3.80 26.86
N GLY B 188 -7.91 2.65 26.20
CA GLY B 188 -7.21 2.53 24.93
C GLY B 188 -7.94 1.69 23.90
N GLY B 189 -7.99 2.19 22.66
CA GLY B 189 -8.46 1.40 21.52
C GLY B 189 -7.43 1.53 20.42
N ASP B 190 -7.48 0.65 19.42
CA ASP B 190 -6.58 0.75 18.27
C ASP B 190 -5.11 0.75 18.75
N ILE B 191 -4.27 1.61 18.14
CA ILE B 191 -2.87 1.72 18.57
C ILE B 191 -2.78 2.12 20.05
N GLY B 192 -3.73 2.94 20.51
CA GLY B 192 -3.84 3.29 21.93
C GLY B 192 -3.99 2.12 22.87
N SER B 193 -4.45 0.98 22.35
CA SER B 193 -4.60 -0.23 23.16
C SER B 193 -3.27 -0.99 23.30
N PHE B 194 -2.42 -0.91 22.28
CA PHE B 194 -1.05 -1.43 22.35
C PHE B 194 -0.23 -0.62 23.36
N VAL B 195 -0.33 0.71 23.24
CA VAL B 195 0.29 1.65 24.17
C VAL B 195 -0.28 1.44 25.58
N GLY B 196 -1.61 1.35 25.66
CA GLY B 196 -2.32 1.08 26.90
C GLY B 196 -1.84 -0.18 27.59
N ARG B 197 -1.65 -1.26 26.82
CA ARG B 197 -1.10 -2.52 27.37
C ARG B 197 0.30 -2.33 27.97
N LEU B 198 1.19 -1.67 27.24
CA LEU B 198 2.54 -1.38 27.74
C LEU B 198 2.55 -0.53 29.02
N LEU B 199 1.62 0.40 29.13
CA LEU B 199 1.47 1.17 30.36
C LEU B 199 1.05 0.28 31.54
N GLY B 200 0.09 -0.62 31.31
CA GLY B 200 -0.32 -1.58 32.32
C GLY B 200 0.79 -2.55 32.70
N VAL B 201 1.58 -2.99 31.73
CA VAL B 201 2.72 -3.88 31.96
C VAL B 201 3.88 -3.22 32.74
N GLY B 202 4.35 -2.07 32.27
CA GLY B 202 5.64 -1.55 32.69
C GLY B 202 5.73 -0.21 33.41
N PHE B 203 4.59 0.44 33.64
CA PHE B 203 4.60 1.79 34.21
C PHE B 203 3.73 1.83 35.48
N ASP B 204 4.39 1.83 36.63
CA ASP B 204 3.72 1.64 37.92
C ASP B 204 2.65 2.65 38.30
N ALA B 205 2.78 3.90 37.85
CA ALA B 205 1.75 4.92 38.08
C ALA B 205 0.44 4.63 37.35
N CYS B 206 0.49 3.85 36.27
CA CYS B 206 -0.72 3.36 35.62
C CYS B 206 -1.33 2.25 36.48
N LYS B 207 -2.53 2.49 37.01
CA LYS B 207 -3.10 1.60 38.01
C LYS B 207 -4.07 0.57 37.45
N ALA B 208 -4.65 0.87 36.29
CA ALA B 208 -5.64 -0.01 35.65
C ALA B 208 -5.79 0.40 34.19
N VAL B 209 -6.24 -0.55 33.36
CA VAL B 209 -6.35 -0.35 31.93
C VAL B 209 -7.70 -0.87 31.43
N HIS B 210 -8.41 -0.04 30.66
CA HIS B 210 -9.60 -0.47 29.95
C HIS B 210 -9.30 -0.40 28.46
N LEU B 211 -9.57 -1.49 27.74
CA LEU B 211 -9.33 -1.56 26.30
C LEU B 211 -10.62 -1.87 25.52
N ASN B 212 -10.67 -1.41 24.28
CA ASN B 212 -11.72 -1.83 23.37
C ASN B 212 -11.14 -2.55 22.13
N LEU B 213 -9.85 -2.87 22.18
CA LEU B 213 -9.20 -3.76 21.21
C LEU B 213 -8.26 -4.72 21.93
N CYS B 214 -8.32 -6.00 21.57
CA CYS B 214 -7.34 -6.98 22.05
C CYS B 214 -7.00 -7.93 20.92
N ALA B 215 -6.20 -7.43 19.98
CA ALA B 215 -5.81 -8.17 18.80
C ALA B 215 -4.86 -9.30 19.20
N MET B 216 -5.23 -10.53 18.87
CA MET B 216 -4.49 -11.72 19.29
C MET B 216 -4.90 -12.97 18.52
N ARG B 217 -4.03 -13.97 18.55
CA ARG B 217 -4.31 -15.30 18.00
C ARG B 217 -4.73 -16.23 19.16
N ALA B 218 -5.19 -17.43 18.81
CA ALA B 218 -5.64 -18.41 19.81
C ALA B 218 -4.60 -18.68 20.90
N PRO B 219 -5.02 -18.68 22.19
CA PRO B 219 -4.10 -18.97 23.28
C PRO B 219 -3.73 -20.46 23.32
N PRO B 220 -2.48 -20.77 23.71
CA PRO B 220 -1.99 -22.16 23.78
C PRO B 220 -2.82 -23.07 24.70
N GLU B 221 -3.12 -22.59 25.90
CA GLU B 221 -3.73 -23.42 26.95
C GLU B 221 -5.25 -23.58 26.83
N GLY B 222 -5.92 -22.58 26.26
CA GLY B 222 -7.35 -22.68 26.02
C GLY B 222 -8.15 -21.39 26.06
N PRO B 223 -9.41 -21.43 25.61
CA PRO B 223 -10.02 -22.62 25.02
C PRO B 223 -9.90 -22.69 23.49
N SER B 224 -10.07 -23.90 22.97
CA SER B 224 -9.93 -24.18 21.54
C SER B 224 -11.01 -23.49 20.71
N ILE B 225 -10.70 -23.23 19.44
CA ILE B 225 -11.67 -22.64 18.51
C ILE B 225 -12.95 -23.50 18.37
N GLU B 226 -12.87 -24.76 18.76
CA GLU B 226 -13.99 -25.70 18.66
C GLU B 226 -15.09 -25.42 19.71
N SER B 227 -14.67 -25.16 20.95
CA SER B 227 -15.60 -24.99 22.08
C SER B 227 -16.31 -23.64 22.07
N LEU B 228 -15.92 -22.79 21.12
CA LEU B 228 -16.47 -21.43 21.01
C LEU B 228 -17.92 -21.47 20.55
N SER B 229 -18.68 -20.45 20.92
CA SER B 229 -20.05 -20.30 20.43
C SER B 229 -20.06 -20.02 18.93
N ALA B 230 -21.22 -20.22 18.30
CA ALA B 230 -21.41 -19.84 16.90
C ALA B 230 -21.07 -18.36 16.68
N ALA B 231 -21.54 -17.48 17.57
CA ALA B 231 -21.29 -16.05 17.45
C ALA B 231 -19.80 -15.71 17.57
N GLU B 232 -19.10 -16.44 18.44
CA GLU B 232 -17.66 -16.28 18.60
C GLU B 232 -16.87 -16.74 17.36
N LYS B 233 -17.34 -17.80 16.70
CA LYS B 233 -16.67 -18.29 15.50
C LYS B 233 -16.86 -17.32 14.34
N GLU B 234 -18.04 -16.72 14.27
CA GLU B 234 -18.30 -15.68 13.26
C GLU B 234 -17.36 -14.49 13.45
N GLY B 235 -17.14 -14.11 14.71
CA GLY B 235 -16.16 -13.09 15.06
C GLY B 235 -14.75 -13.45 14.64
N ILE B 236 -14.34 -14.71 14.89
CA ILE B 236 -13.04 -15.21 14.47
C ILE B 236 -12.84 -15.11 12.95
N ALA B 237 -13.90 -15.38 12.19
CA ALA B 237 -13.88 -15.35 10.73
C ALA B 237 -13.75 -13.92 10.19
N ARG B 238 -14.40 -12.98 10.87
CA ARG B 238 -14.28 -11.56 10.53
C ARG B 238 -12.85 -11.09 10.78
N MET B 239 -12.28 -11.50 11.90
CA MET B 239 -10.90 -11.19 12.21
C MET B 239 -9.94 -11.83 11.19
N GLU B 240 -10.18 -13.11 10.87
CA GLU B 240 -9.38 -13.83 9.89
C GLU B 240 -9.44 -13.17 8.52
N LYS B 241 -10.63 -12.71 8.11
CA LYS B 241 -10.77 -11.98 6.86
C LYS B 241 -9.95 -10.68 6.91
N PHE B 242 -10.06 -9.96 8.02
CA PHE B 242 -9.26 -8.74 8.20
C PHE B 242 -7.75 -8.97 8.06
N MET B 243 -7.24 -10.03 8.71
N MET B 243 -7.25 -10.04 8.70
CA MET B 243 -5.79 -10.32 8.68
CA MET B 243 -5.83 -10.39 8.70
C MET B 243 -5.29 -10.78 7.31
C MET B 243 -5.30 -10.79 7.32
N THR B 244 -6.19 -11.28 6.46
CA THR B 244 -5.80 -11.82 5.15
C THR B 244 -6.22 -10.94 3.96
N ASP B 245 -7.44 -10.43 3.99
CA ASP B 245 -7.90 -9.53 2.93
C ASP B 245 -7.79 -8.04 3.29
N GLY B 246 -7.74 -7.72 4.58
CA GLY B 246 -7.84 -6.33 5.02
C GLY B 246 -6.59 -5.66 5.58
N LEU B 247 -5.45 -6.33 5.50
CA LEU B 247 -4.23 -5.87 6.18
C LEU B 247 -3.17 -5.20 5.31
N ALA B 248 -3.37 -5.20 3.99
CA ALA B 248 -2.32 -4.74 3.08
C ALA B 248 -1.87 -3.30 3.38
N TYR B 249 -2.83 -2.40 3.65
CA TYR B 249 -2.52 -1.02 4.03
C TYR B 249 -1.49 -1.00 5.18
N ALA B 250 -1.73 -1.82 6.20
CA ALA B 250 -0.88 -1.85 7.39
C ALA B 250 0.50 -2.44 7.11
N MET B 251 0.55 -3.42 6.20
N MET B 251 0.54 -3.43 6.21
CA MET B 251 1.83 -4.01 5.79
CA MET B 251 1.80 -4.03 5.75
C MET B 251 2.66 -3.03 4.99
C MET B 251 2.64 -3.00 5.03
N GLU B 252 1.99 -2.16 4.23
CA GLU B 252 2.67 -1.07 3.54
C GLU B 252 3.19 -0.01 4.51
N HIS B 253 2.32 0.41 5.46
CA HIS B 253 2.74 1.28 6.56
C HIS B 253 3.97 0.73 7.27
N SER B 254 3.94 -0.58 7.51
CA SER B 254 4.98 -1.29 8.27
C SER B 254 6.32 -1.42 7.51
N THR B 255 6.24 -1.82 6.23
CA THR B 255 7.44 -2.16 5.47
C THR B 255 8.04 -0.99 4.70
N ARG B 256 7.17 -0.10 4.21
CA ARG B 256 7.62 1.03 3.40
C ARG B 256 6.95 2.33 3.84
N PRO B 257 7.12 2.71 5.12
CA PRO B 257 6.44 3.90 5.60
C PRO B 257 6.87 5.16 4.83
N SER B 258 8.12 5.24 4.40
CA SER B 258 8.59 6.43 3.68
C SER B 258 7.87 6.64 2.35
N THR B 259 7.78 5.58 1.54
CA THR B 259 7.06 5.62 0.27
C THR B 259 5.57 5.99 0.44
N ILE B 260 4.86 5.28 1.31
CA ILE B 260 3.42 5.57 1.46
C ILE B 260 3.19 6.95 2.08
N GLY B 261 4.07 7.37 2.99
CA GLY B 261 4.04 8.74 3.51
C GLY B 261 4.08 9.81 2.41
N HIS B 262 5.00 9.66 1.48
CA HIS B 262 5.12 10.59 0.34
C HIS B 262 3.94 10.49 -0.61
N VAL B 263 3.51 9.27 -0.91
CA VAL B 263 2.33 9.03 -1.75
C VAL B 263 1.11 9.82 -1.25
N LEU B 264 0.85 9.71 0.05
CA LEU B 264 -0.38 10.29 0.59
C LEU B 264 -0.25 11.77 0.95
N SER B 265 0.97 12.28 0.98
CA SER B 265 1.23 13.69 1.18
C SER B 265 1.09 14.47 -0.12
N SER B 266 1.17 13.75 -1.24
CA SER B 266 1.26 14.40 -2.54
C SER B 266 -0.06 15.06 -2.97
N SER B 267 -1.18 14.42 -2.60
CA SER B 267 -2.53 14.89 -2.96
C SER B 267 -3.57 14.54 -1.88
N PRO B 268 -4.49 15.49 -1.56
CA PRO B 268 -5.50 15.18 -0.53
C PRO B 268 -6.51 14.13 -0.98
N ILE B 269 -6.67 13.99 -2.30
CA ILE B 269 -7.49 12.91 -2.86
C ILE B 269 -6.84 11.53 -2.59
N ALA B 270 -5.52 11.44 -2.73
CA ALA B 270 -4.79 10.23 -2.34
C ALA B 270 -5.11 9.85 -0.88
N LEU B 271 -4.94 10.82 0.01
CA LEU B 271 -5.19 10.63 1.44
C LEU B 271 -6.64 10.23 1.74
N LEU B 272 -7.58 10.93 1.11
CA LEU B 272 -9.00 10.64 1.25
C LEU B 272 -9.31 9.21 0.82
N ALA B 273 -8.74 8.77 -0.29
CA ALA B 273 -8.99 7.40 -0.76
C ALA B 273 -8.50 6.36 0.25
N TRP B 274 -7.26 6.52 0.71
CA TRP B 274 -6.61 5.54 1.58
C TRP B 274 -7.26 5.45 2.97
N ILE B 275 -7.46 6.61 3.57
CA ILE B 275 -8.07 6.73 4.89
C ILE B 275 -9.59 6.58 4.86
N GLY B 276 -10.25 7.20 3.87
CA GLY B 276 -11.70 7.11 3.72
C GLY B 276 -12.18 5.68 3.62
N GLU B 277 -11.41 4.84 2.92
CA GLU B 277 -11.73 3.43 2.84
C GLU B 277 -11.95 2.83 4.24
N LYS B 278 -11.10 3.21 5.18
CA LYS B 278 -11.16 2.62 6.53
C LYS B 278 -12.30 3.19 7.35
N TYR B 279 -12.59 4.48 7.18
CA TYR B 279 -13.76 5.09 7.83
C TYR B 279 -15.08 4.50 7.32
N LEU B 280 -15.06 3.98 6.09
CA LEU B 280 -16.19 3.27 5.50
C LEU B 280 -16.32 1.83 5.99
N GLN B 281 -15.22 1.09 5.96
CA GLN B 281 -15.24 -0.34 6.26
C GLN B 281 -15.24 -0.67 7.75
N TRP B 282 -14.64 0.19 8.58
CA TRP B 282 -14.37 -0.17 9.97
C TRP B 282 -15.51 0.14 10.96
N VAL B 283 -16.50 0.90 10.52
CA VAL B 283 -17.63 1.29 11.37
C VAL B 283 -18.80 0.29 11.27
N ASP B 284 -19.73 0.39 12.21
CA ASP B 284 -21.01 -0.32 12.11
C ASP B 284 -21.96 0.52 11.24
N LYS B 285 -22.53 1.56 11.81
CA LYS B 285 -23.40 2.46 11.06
C LYS B 285 -22.50 3.47 10.35
N PRO B 286 -22.79 3.75 9.07
CA PRO B 286 -22.03 4.72 8.31
C PRO B 286 -21.95 6.07 9.04
N LEU B 287 -20.75 6.64 9.07
CA LEU B 287 -20.55 7.98 9.59
C LEU B 287 -21.05 9.00 8.57
N PRO B 288 -21.41 10.22 9.04
CA PRO B 288 -21.69 11.26 8.04
C PRO B 288 -20.49 11.47 7.12
N SER B 289 -20.77 11.76 5.84
CA SER B 289 -19.71 12.05 4.87
C SER B 289 -18.82 13.21 5.29
N GLU B 290 -19.42 14.22 5.91
CA GLU B 290 -18.69 15.38 6.40
C GLU B 290 -17.69 15.07 7.52
N THR B 291 -18.01 14.07 8.35
CA THR B 291 -17.07 13.58 9.37
C THR B 291 -15.78 13.06 8.76
N ILE B 292 -15.89 12.24 7.70
CA ILE B 292 -14.71 11.72 7.02
C ILE B 292 -13.91 12.88 6.43
N LEU B 293 -14.60 13.81 5.76
CA LEU B 293 -13.95 14.99 5.18
C LEU B 293 -13.17 15.78 6.24
N GLU B 294 -13.77 15.91 7.42
CA GLU B 294 -13.17 16.58 8.57
C GLU B 294 -11.95 15.85 9.12
N MET B 295 -12.06 14.54 9.28
CA MET B 295 -10.95 13.73 9.78
C MET B 295 -9.77 13.74 8.80
N VAL B 296 -10.08 13.60 7.51
CA VAL B 296 -9.05 13.59 6.46
C VAL B 296 -8.41 14.98 6.32
N SER B 297 -9.23 16.04 6.36
CA SER B 297 -8.69 17.38 6.24
C SER B 297 -7.79 17.69 7.44
N LEU B 298 -8.19 17.24 8.63
CA LEU B 298 -7.36 17.39 9.82
C LEU B 298 -5.99 16.70 9.64
N TYR B 299 -5.97 15.49 9.10
CA TYR B 299 -4.70 14.82 8.81
C TYR B 299 -3.86 15.58 7.78
N TRP B 300 -4.52 16.07 6.73
CA TRP B 300 -3.83 16.80 5.65
C TRP B 300 -3.13 18.05 6.17
N LEU B 301 -3.88 18.88 6.88
CA LEU B 301 -3.39 20.18 7.35
C LEU B 301 -2.32 20.09 8.46
N THR B 302 -2.21 18.94 9.11
CA THR B 302 -1.20 18.73 10.16
C THR B 302 -0.08 17.79 9.74
N GLU B 303 -0.10 17.37 8.47
CA GLU B 303 0.84 16.38 7.90
C GLU B 303 1.00 15.17 8.84
N SER B 304 -0.13 14.61 9.27
CA SER B 304 -0.15 13.54 10.26
C SER B 304 0.30 12.20 9.69
N PHE B 305 -0.18 11.84 8.50
CA PHE B 305 0.00 10.49 8.01
C PHE B 305 1.44 9.93 8.00
N PRO B 306 2.41 10.67 7.41
CA PRO B 306 3.77 10.13 7.32
C PRO B 306 4.46 10.00 8.70
N ARG B 307 4.08 10.85 9.65
CA ARG B 307 4.65 10.87 10.99
C ARG B 307 4.01 9.84 11.93
N ALA B 308 2.72 9.60 11.74
CA ALA B 308 1.93 8.75 12.63
C ALA B 308 2.16 7.24 12.45
N ILE B 309 2.58 6.84 11.26
CA ILE B 309 2.62 5.42 10.93
C ILE B 309 3.83 4.66 11.45
N HIS B 310 4.69 5.35 12.23
CA HIS B 310 5.93 4.74 12.73
C HIS B 310 5.68 3.48 13.56
N THR B 311 4.57 3.41 14.27
CA THR B 311 4.30 2.28 15.15
C THR B 311 3.92 0.99 14.43
N TYR B 312 3.59 1.07 13.14
CA TYR B 312 3.17 -0.11 12.36
C TYR B 312 4.27 -1.18 12.24
N ARG B 313 5.53 -0.76 12.28
CA ARG B 313 6.67 -1.68 12.29
C ARG B 313 6.56 -2.65 13.45
N GLU B 314 5.95 -2.18 14.54
CA GLU B 314 5.74 -2.98 15.75
C GLU B 314 4.35 -3.60 15.89
N THR B 315 3.30 -2.90 15.47
CA THR B 315 1.94 -3.45 15.61
C THR B 315 1.64 -4.50 14.52
N THR B 316 2.25 -4.30 13.35
CA THR B 316 2.08 -5.20 12.21
C THR B 316 3.45 -5.62 11.74
N PRO B 317 4.14 -6.48 12.51
CA PRO B 317 5.48 -6.84 12.07
C PRO B 317 5.40 -7.96 11.03
N MET B 327 3.25 -13.63 23.62
CA MET B 327 3.77 -12.64 24.55
C MET B 327 2.67 -12.11 25.47
N LEU B 328 1.43 -12.19 25.02
CA LEU B 328 0.28 -11.63 25.76
C LEU B 328 -0.06 -12.37 27.05
N GLN B 329 0.30 -13.65 27.12
CA GLN B 329 0.03 -14.47 28.30
C GLN B 329 1.16 -14.35 29.32
N LYS B 330 2.31 -13.83 28.88
CA LYS B 330 3.50 -13.81 29.72
C LYS B 330 4.06 -12.41 29.90
N GLU B 331 4.98 -12.02 29.01
CA GLU B 331 5.72 -10.76 29.19
C GLU B 331 4.81 -9.54 29.16
N LEU B 332 3.77 -9.62 28.33
CA LEU B 332 2.86 -8.48 28.16
C LEU B 332 1.49 -8.67 28.83
N TYR B 333 1.41 -9.64 29.74
CA TYR B 333 0.22 -9.86 30.57
C TYR B 333 0.00 -8.64 31.46
N ILE B 334 -1.23 -8.14 31.52
CA ILE B 334 -1.55 -7.00 32.39
C ILE B 334 -1.93 -7.50 33.78
N HIS B 335 -1.01 -7.39 34.72
CA HIS B 335 -1.27 -7.86 36.09
C HIS B 335 -2.20 -6.93 36.87
N LYS B 336 -2.35 -5.71 36.36
CA LYS B 336 -3.22 -4.70 36.95
C LYS B 336 -4.70 -4.97 36.58
N PRO B 337 -5.65 -4.37 37.34
CA PRO B 337 -7.07 -4.56 37.00
C PRO B 337 -7.31 -4.19 35.53
N PHE B 338 -7.90 -5.11 34.81
CA PHE B 338 -8.00 -5.03 33.35
C PHE B 338 -9.48 -5.12 32.97
N GLY B 339 -9.92 -4.19 32.12
CA GLY B 339 -11.32 -4.12 31.65
C GLY B 339 -11.43 -4.08 30.13
N PHE B 340 -12.53 -4.62 29.61
CA PHE B 340 -12.69 -4.69 28.16
C PHE B 340 -14.11 -4.41 27.72
N SER B 341 -14.27 -3.57 26.68
CA SER B 341 -15.56 -3.35 26.03
C SER B 341 -15.57 -3.97 24.63
N PHE B 342 -16.53 -4.86 24.39
CA PHE B 342 -16.61 -5.58 23.12
C PHE B 342 -17.64 -4.94 22.20
N PHE B 343 -17.16 -4.44 21.07
CA PHE B 343 -18.02 -3.94 20.01
C PHE B 343 -17.80 -4.87 18.79
N PRO B 344 -18.89 -5.53 18.31
CA PRO B 344 -18.82 -6.64 17.36
C PRO B 344 -18.24 -6.30 15.96
N LYS B 345 -18.33 -5.05 15.53
CA LYS B 345 -17.82 -4.67 14.20
C LYS B 345 -16.46 -3.96 14.21
N ASP B 346 -15.79 -3.94 15.38
CA ASP B 346 -14.34 -3.69 15.41
C ASP B 346 -13.69 -4.90 14.72
N LEU B 347 -12.41 -4.77 14.38
CA LEU B 347 -11.79 -5.68 13.40
C LEU B 347 -11.27 -7.00 13.90
N CYS B 348 -11.02 -7.11 15.20
CA CYS B 348 -10.51 -8.34 15.80
C CYS B 348 -11.40 -8.82 16.96
N PRO B 349 -12.66 -9.18 16.66
CA PRO B 349 -13.53 -9.61 17.75
C PRO B 349 -13.18 -11.02 18.25
N VAL B 350 -12.37 -11.07 19.30
CA VAL B 350 -11.98 -12.36 19.89
C VAL B 350 -12.84 -12.69 21.11
N PRO B 351 -12.97 -14.00 21.44
CA PRO B 351 -13.76 -14.40 22.60
C PRO B 351 -13.24 -13.80 23.90
N ARG B 352 -14.15 -13.54 24.84
CA ARG B 352 -13.79 -13.10 26.19
C ARG B 352 -12.77 -14.03 26.85
N SER B 353 -12.92 -15.33 26.60
CA SER B 353 -12.03 -16.34 27.18
C SER B 353 -10.57 -16.17 26.73
N TRP B 354 -10.38 -15.76 25.47
CA TRP B 354 -9.05 -15.42 24.96
C TRP B 354 -8.48 -14.16 25.61
N ILE B 355 -9.29 -13.11 25.66
CA ILE B 355 -8.90 -11.84 26.27
C ILE B 355 -8.45 -12.04 27.72
N ALA B 356 -9.19 -12.87 28.46
CA ALA B 356 -8.91 -13.21 29.87
C ALA B 356 -7.55 -13.84 30.13
N THR B 357 -6.94 -14.45 29.10
CA THR B 357 -5.58 -15.00 29.24
C THR B 357 -4.49 -13.92 29.14
N THR B 358 -4.89 -12.70 28.79
CA THR B 358 -3.89 -11.65 28.52
C THR B 358 -3.80 -10.58 29.63
N GLY B 359 -4.60 -10.75 30.68
CA GLY B 359 -4.53 -9.85 31.82
C GLY B 359 -5.46 -10.27 32.95
N ASN B 360 -5.43 -9.50 34.04
CA ASN B 360 -6.33 -9.70 35.16
C ASN B 360 -7.70 -9.10 34.81
N LEU B 361 -8.45 -9.78 33.95
CA LEU B 361 -9.73 -9.30 33.45
C LEU B 361 -10.83 -9.37 34.53
N VAL B 362 -11.13 -8.21 35.11
CA VAL B 362 -12.08 -8.11 36.20
C VAL B 362 -13.38 -7.43 35.74
N PHE B 363 -13.40 -7.01 34.48
CA PHE B 363 -14.51 -6.21 33.92
C PHE B 363 -14.64 -6.50 32.42
N PHE B 364 -15.86 -6.83 31.98
CA PHE B 364 -16.13 -7.10 30.56
C PHE B 364 -17.55 -6.67 30.22
N ARG B 365 -17.67 -5.88 29.15
CA ARG B 365 -18.98 -5.45 28.63
C ARG B 365 -19.12 -5.84 27.16
N ASP B 366 -20.21 -6.54 26.84
CA ASP B 366 -20.46 -7.04 25.50
C ASP B 366 -21.53 -6.16 24.87
N HIS B 367 -21.35 -5.76 23.61
CA HIS B 367 -22.33 -4.88 22.98
C HIS B 367 -22.86 -5.49 21.70
N ALA B 368 -24.15 -5.26 21.43
CA ALA B 368 -24.81 -5.80 20.24
C ALA B 368 -24.44 -5.07 18.94
N GLU B 369 -24.03 -3.81 19.05
CA GLU B 369 -23.79 -2.95 17.90
C GLU B 369 -22.58 -2.08 18.11
N GLY B 370 -22.11 -1.45 17.03
CA GLY B 370 -20.93 -0.59 17.10
C GLY B 370 -19.71 -1.23 16.50
N GLY B 371 -18.87 -0.40 15.88
CA GLY B 371 -17.66 -0.89 15.22
C GLY B 371 -16.37 -0.40 15.82
N HIS B 372 -15.38 -0.19 14.94
CA HIS B 372 -14.02 0.18 15.35
C HIS B 372 -13.89 1.46 16.18
N PHE B 373 -14.56 2.52 15.73
CA PHE B 373 -14.39 3.84 16.31
C PHE B 373 -15.38 4.05 17.47
N ALA B 374 -15.19 3.28 18.54
CA ALA B 374 -16.17 3.19 19.64
C ALA B 374 -16.55 4.54 20.24
N ALA B 375 -15.54 5.37 20.51
CA ALA B 375 -15.76 6.70 21.08
C ALA B 375 -16.63 7.58 20.17
N LEU B 376 -16.41 7.46 18.86
CA LEU B 376 -17.19 8.17 17.84
C LEU B 376 -18.58 7.55 17.62
N GLU B 377 -18.62 6.23 17.50
CA GLU B 377 -19.84 5.52 17.10
C GLU B 377 -20.81 5.32 18.24
N ARG B 378 -20.26 4.94 19.40
CA ARG B 378 -21.07 4.60 20.56
C ARG B 378 -20.55 5.33 21.81
N PRO B 379 -20.58 6.69 21.80
CA PRO B 379 -19.95 7.40 22.93
C PRO B 379 -20.62 7.11 24.29
N ARG B 380 -21.94 6.97 24.31
CA ARG B 380 -22.64 6.73 25.58
C ARG B 380 -22.24 5.40 26.20
N GLU B 381 -22.16 4.36 25.36
CA GLU B 381 -21.74 3.04 25.80
C GLU B 381 -20.30 3.02 26.31
N LEU B 382 -19.37 3.63 25.57
CA LEU B 382 -17.98 3.60 26.00
C LEU B 382 -17.75 4.41 27.29
N LYS B 383 -18.36 5.60 27.36
CA LYS B 383 -18.24 6.47 28.55
C LYS B 383 -18.73 5.72 29.78
N THR B 384 -19.88 5.12 29.59
CA THR B 384 -20.63 4.40 30.59
C THR B 384 -19.91 3.12 31.07
N ASP B 385 -19.39 2.32 30.14
CA ASP B 385 -18.54 1.16 30.48
C ASP B 385 -17.31 1.59 31.29
N LEU B 386 -16.66 2.67 30.84
CA LEU B 386 -15.43 3.18 31.45
C LEU B 386 -15.66 3.68 32.88
N THR B 387 -16.75 4.43 33.06
CA THR B 387 -17.12 4.94 34.39
C THR B 387 -17.33 3.77 35.35
N ALA B 388 -18.10 2.77 34.92
CA ALA B 388 -18.34 1.56 35.71
C ALA B 388 -17.04 0.86 36.11
N PHE B 389 -16.15 0.70 35.12
CA PHE B 389 -14.83 0.10 35.31
C PHE B 389 -14.01 0.88 36.35
N VAL B 390 -13.95 2.20 36.20
CA VAL B 390 -13.13 3.03 37.08
C VAL B 390 -13.62 2.95 38.53
N GLU B 391 -14.93 3.07 38.70
CA GLU B 391 -15.55 3.01 40.02
C GLU B 391 -15.33 1.65 40.69
N GLN B 392 -15.35 0.58 39.89
CA GLN B 392 -15.07 -0.77 40.37
C GLN B 392 -13.62 -0.99 40.83
N VAL B 393 -12.65 -0.49 40.07
CA VAL B 393 -11.24 -0.86 40.31
C VAL B 393 -10.38 0.17 41.05
N TRP B 394 -10.79 1.43 41.08
CA TRP B 394 -9.97 2.51 41.65
C TRP B 394 -9.98 2.50 43.17
#